data_3Q15
#
_entry.id   3Q15
#
_cell.length_a   95.064
_cell.length_b   157.452
_cell.length_c   84.715
_cell.angle_alpha   90.00
_cell.angle_beta   110.57
_cell.angle_gamma   90.00
#
_symmetry.space_group_name_H-M   'C 1 2 1'
#
loop_
_entity.id
_entity.type
_entity.pdbx_description
1 polymer 'Response regulator aspartate phosphatase H'
2 polymer 'Sporulation initiation phosphotransferase F'
3 non-polymer GLYCEROL
4 non-polymer 'SULFATE ION'
5 non-polymer 'MAGNESIUM ION'
6 water water
#
loop_
_entity_poly.entity_id
_entity_poly.type
_entity_poly.pdbx_seq_one_letter_code
_entity_poly.pdbx_strand_id
1 'polypeptide(L)'
;GSMSQAIPSSRVGVKINEWYKMIRQFSVPDAEILKAEVEQDIQQMEEDQDLLIYYSLMCFRHQLMLDYLEPGKTYGNRPT
VTELLETIETPQKKLTGLLKYYSLFFRGMYEFDQKEYVEAIGYYREAEKELPFVSDDIEKAEFHFKVAEAYYHMKQTHVS
MYHILQALDIYQNHPLYSIRTIQSLFVIAGNYDDFKHYDKALPHLEAALELAMDIQNDRFIAISLLNIANSYDRSGDDQM
AVEHFQKAAKVSREKVPDLLPKVLFGLSWTLCKAGQTQKAFQFIEEGLDHITARSHKFYKELFLFLQAVYKETVDERKIH
DLLSYFEKKNLHAYIEACARSAAAVFESSCHFEQAAAFYRKVLKAQEDILKGECLYAY
;
A,B
2 'polypeptide(L)'
;GSMMNEKILIVDDQYGIRILLNEVFNKEGYQTFQAANGLQALDIVTKERPDLVLLDMKIPGMDGIEILKRMKVIDENIRV
IIMTAYGELDMIQESKELGALTHFAKPFDIDEIRDAVKKYLPLKSN
;
C,D
#
# COMPACT_ATOMS: atom_id res chain seq x y z
N ALA A 6 -4.21 -26.55 3.02
CA ALA A 6 -4.28 -25.34 3.83
C ALA A 6 -3.48 -24.21 3.19
N ILE A 7 -4.09 -23.03 3.13
CA ILE A 7 -3.44 -21.87 2.53
C ILE A 7 -2.51 -21.18 3.53
N PRO A 8 -1.23 -21.01 3.15
CA PRO A 8 -0.28 -20.28 3.99
C PRO A 8 -0.75 -18.85 4.24
N SER A 9 -0.65 -18.40 5.49
CA SER A 9 -1.13 -17.07 5.87
C SER A 9 -0.39 -15.94 5.17
N SER A 10 0.83 -16.21 4.73
CA SER A 10 1.61 -15.22 3.99
C SER A 10 0.97 -14.98 2.62
N ARG A 11 0.43 -16.04 2.03
CA ARG A 11 -0.28 -15.93 0.76
C ARG A 11 -1.50 -15.04 0.94
N VAL A 12 -2.23 -15.23 2.04
CA VAL A 12 -3.39 -14.41 2.32
C VAL A 12 -2.97 -12.98 2.65
N GLY A 13 -1.80 -12.85 3.27
CA GLY A 13 -1.26 -11.55 3.61
C GLY A 13 -1.00 -10.66 2.40
N VAL A 14 -0.42 -11.24 1.35
CA VAL A 14 -0.10 -10.45 0.16
C VAL A 14 -1.36 -10.07 -0.62
N LYS A 15 -2.40 -10.89 -0.54
CA LYS A 15 -3.67 -10.54 -1.17
C LYS A 15 -4.31 -9.36 -0.43
N ILE A 16 -4.15 -9.34 0.89
CA ILE A 16 -4.58 -8.20 1.71
C ILE A 16 -3.81 -6.94 1.32
N ASN A 17 -2.52 -7.11 1.05
CA ASN A 17 -1.69 -6.02 0.54
C ASN A 17 -2.27 -5.46 -0.76
N GLU A 18 -2.76 -6.35 -1.60
CA GLU A 18 -3.34 -5.95 -2.87
C GLU A 18 -4.67 -5.25 -2.61
N TRP A 19 -5.42 -5.81 -1.67
CA TRP A 19 -6.67 -5.20 -1.21
C TRP A 19 -6.41 -3.76 -0.77
N TYR A 20 -5.36 -3.57 0.03
CA TYR A 20 -4.95 -2.26 0.52
C TYR A 20 -4.65 -1.28 -0.62
N LYS A 21 -3.95 -1.77 -1.64
CA LYS A 21 -3.61 -0.94 -2.79
C LYS A 21 -4.87 -0.36 -3.44
N MET A 22 -5.89 -1.20 -3.60
CA MET A 22 -7.14 -0.75 -4.20
C MET A 22 -7.81 0.30 -3.32
N ILE A 23 -7.74 0.10 -2.01
CA ILE A 23 -8.31 1.05 -1.06
C ILE A 23 -7.67 2.43 -1.18
N ARG A 24 -6.33 2.47 -1.23
CA ARG A 24 -5.61 3.74 -1.23
C ARG A 24 -5.79 4.50 -2.55
N GLN A 25 -6.26 3.80 -3.58
CA GLN A 25 -6.61 4.45 -4.83
C GLN A 25 -8.13 4.57 -4.95
N PHE A 26 -8.81 4.33 -3.83
CA PHE A 26 -10.25 4.50 -3.74
C PHE A 26 -11.02 3.83 -4.86
N SER A 27 -10.66 2.58 -5.16
CA SER A 27 -11.39 1.80 -6.15
C SER A 27 -12.32 0.83 -5.45
N VAL A 28 -13.56 1.24 -5.23
CA VAL A 28 -14.51 0.43 -4.45
C VAL A 28 -14.77 -0.96 -5.06
N PRO A 29 -15.09 -1.02 -6.36
CA PRO A 29 -15.35 -2.33 -6.99
C PRO A 29 -14.21 -3.32 -6.76
N ASP A 30 -12.98 -2.91 -7.06
CA ASP A 30 -11.83 -3.78 -6.87
C ASP A 30 -11.62 -4.16 -5.40
N ALA A 31 -11.69 -3.16 -4.52
CA ALA A 31 -11.52 -3.40 -3.09
C ALA A 31 -12.53 -4.43 -2.57
N GLU A 32 -13.77 -4.33 -3.06
CA GLU A 32 -14.82 -5.25 -2.64
C GLU A 32 -14.53 -6.68 -3.10
N ILE A 33 -14.08 -6.82 -4.34
CA ILE A 33 -13.72 -8.14 -4.87
C ILE A 33 -12.64 -8.78 -4.01
N LEU A 34 -11.53 -8.07 -3.82
CA LEU A 34 -10.42 -8.59 -3.04
C LEU A 34 -10.80 -8.87 -1.59
N LYS A 35 -11.61 -7.99 -1.00
CA LYS A 35 -12.10 -8.19 0.35
C LYS A 35 -12.89 -9.49 0.44
N ALA A 36 -13.71 -9.75 -0.58
CA ALA A 36 -14.53 -10.97 -0.62
C ALA A 36 -13.66 -12.22 -0.76
N GLU A 37 -12.61 -12.12 -1.57
CA GLU A 37 -11.71 -13.24 -1.76
C GLU A 37 -10.97 -13.58 -0.47
N VAL A 38 -10.46 -12.55 0.20
CA VAL A 38 -9.72 -12.74 1.44
C VAL A 38 -10.57 -13.48 2.47
N GLU A 39 -11.85 -13.11 2.55
CA GLU A 39 -12.75 -13.69 3.52
C GLU A 39 -13.04 -15.17 3.23
N GLN A 40 -12.78 -15.57 2.00
CA GLN A 40 -12.91 -16.97 1.62
C GLN A 40 -11.63 -17.73 1.95
N ASP A 41 -10.49 -17.14 1.58
CA ASP A 41 -9.20 -17.78 1.80
C ASP A 41 -8.94 -18.07 3.27
N ILE A 42 -9.37 -17.15 4.14
CA ILE A 42 -9.17 -17.31 5.58
C ILE A 42 -9.88 -18.56 6.13
N GLN A 43 -11.01 -18.91 5.53
CA GLN A 43 -11.76 -20.09 5.95
C GLN A 43 -10.99 -21.37 5.68
N GLN A 44 -9.90 -21.25 4.91
CA GLN A 44 -9.06 -22.40 4.58
C GLN A 44 -7.60 -22.13 4.95
N MET A 45 -7.37 -21.05 5.69
CA MET A 45 -6.01 -20.62 6.03
C MET A 45 -5.46 -21.32 7.27
N GLU A 46 -4.16 -21.58 7.27
CA GLU A 46 -3.49 -22.06 8.47
C GLU A 46 -3.68 -21.04 9.59
N GLU A 47 -3.63 -21.50 10.83
CA GLU A 47 -3.82 -20.62 11.97
C GLU A 47 -2.73 -19.55 12.03
N ASP A 48 -3.16 -18.29 12.14
CA ASP A 48 -2.24 -17.16 12.29
C ASP A 48 -3.02 -15.94 12.78
N GLN A 49 -3.09 -15.78 14.10
CA GLN A 49 -3.86 -14.69 14.68
C GLN A 49 -3.34 -13.32 14.26
N ASP A 50 -2.07 -13.25 13.84
CA ASP A 50 -1.48 -11.99 13.40
C ASP A 50 -2.09 -11.58 12.07
N LEU A 51 -2.34 -12.56 11.21
CA LEU A 51 -2.96 -12.31 9.92
C LEU A 51 -4.38 -11.79 10.13
N LEU A 52 -5.11 -12.42 11.04
CA LEU A 52 -6.49 -12.04 11.34
C LEU A 52 -6.58 -10.60 11.86
N ILE A 53 -5.57 -10.18 12.63
CA ILE A 53 -5.51 -8.80 13.10
C ILE A 53 -5.33 -7.86 11.93
N TYR A 54 -4.41 -8.21 11.03
CA TYR A 54 -4.15 -7.43 9.83
C TYR A 54 -5.43 -7.33 9.00
N TYR A 55 -6.16 -8.44 8.92
CA TYR A 55 -7.44 -8.49 8.21
C TYR A 55 -8.47 -7.53 8.82
N SER A 56 -8.60 -7.57 10.14
CA SER A 56 -9.57 -6.74 10.85
C SER A 56 -9.25 -5.25 10.75
N LEU A 57 -7.97 -4.92 10.84
CA LEU A 57 -7.54 -3.54 10.64
C LEU A 57 -7.86 -3.09 9.21
N MET A 58 -7.61 -3.97 8.24
CA MET A 58 -7.91 -3.63 6.85
C MET A 58 -9.41 -3.43 6.65
N CYS A 59 -10.22 -4.25 7.32
CA CYS A 59 -11.67 -4.10 7.28
C CYS A 59 -12.07 -2.69 7.73
N PHE A 60 -11.36 -2.19 8.74
CA PHE A 60 -11.64 -0.86 9.29
C PHE A 60 -11.20 0.21 8.32
N ARG A 61 -10.00 0.03 7.75
CA ARG A 61 -9.47 0.95 6.77
C ARG A 61 -10.38 0.98 5.55
N HIS A 62 -10.89 -0.18 5.16
CA HIS A 62 -11.81 -0.29 4.04
C HIS A 62 -13.10 0.49 4.30
N GLN A 63 -13.57 0.46 5.55
CA GLN A 63 -14.79 1.17 5.92
C GLN A 63 -14.55 2.68 5.93
N LEU A 64 -13.36 3.10 6.36
CA LEU A 64 -13.00 4.50 6.30
C LEU A 64 -13.08 5.02 4.87
N MET A 65 -12.65 4.20 3.92
CA MET A 65 -12.71 4.60 2.51
C MET A 65 -14.15 4.87 2.08
N LEU A 66 -15.06 3.98 2.46
CA LEU A 66 -16.47 4.14 2.16
C LEU A 66 -17.06 5.38 2.85
N ASP A 67 -16.64 5.62 4.09
CA ASP A 67 -17.17 6.75 4.85
C ASP A 67 -16.71 8.09 4.29
N TYR A 68 -15.63 8.09 3.52
CA TYR A 68 -15.07 9.32 2.98
C TYR A 68 -15.45 9.53 1.51
N LEU A 69 -16.26 8.63 0.97
CA LEU A 69 -16.70 8.74 -0.42
C LEU A 69 -18.18 9.11 -0.51
N GLU A 70 -18.82 9.26 0.65
CA GLU A 70 -20.24 9.62 0.71
C GLU A 70 -20.48 11.01 0.12
N PRO A 79 -12.04 15.85 -5.41
CA PRO A 79 -10.87 15.65 -4.55
C PRO A 79 -9.92 14.60 -5.13
N THR A 80 -8.66 14.96 -5.32
CA THR A 80 -7.70 14.02 -5.88
C THR A 80 -7.44 12.88 -4.90
N VAL A 81 -6.97 11.76 -5.43
CA VAL A 81 -6.59 10.64 -4.60
C VAL A 81 -5.60 11.12 -3.54
N THR A 82 -4.61 11.91 -3.96
CA THR A 82 -3.60 12.42 -3.04
C THR A 82 -4.24 13.19 -1.88
N GLU A 83 -5.11 14.12 -2.21
CA GLU A 83 -5.77 14.95 -1.20
C GLU A 83 -6.65 14.11 -0.28
N LEU A 84 -7.54 13.32 -0.88
CA LEU A 84 -8.45 12.48 -0.12
C LEU A 84 -7.66 11.51 0.78
N LEU A 85 -6.52 11.06 0.28
CA LEU A 85 -5.68 10.11 1.01
C LEU A 85 -5.11 10.76 2.28
N GLU A 86 -4.63 11.99 2.15
CA GLU A 86 -4.07 12.70 3.29
C GLU A 86 -5.15 12.97 4.34
N THR A 87 -6.39 13.14 3.87
CA THR A 87 -7.52 13.41 4.75
C THR A 87 -7.81 12.21 5.64
N ILE A 88 -7.69 11.02 5.09
CA ILE A 88 -7.97 9.79 5.83
C ILE A 88 -6.80 9.36 6.71
N GLU A 89 -5.59 9.47 6.19
CA GLU A 89 -4.40 8.94 6.88
C GLU A 89 -3.94 9.78 8.08
N THR A 90 -3.92 11.10 7.91
CA THR A 90 -3.43 12.00 8.94
C THR A 90 -4.06 11.76 10.31
N PRO A 91 -5.40 11.69 10.38
CA PRO A 91 -6.07 11.42 11.66
C PRO A 91 -5.89 9.96 12.10
N GLN A 92 -5.37 9.13 11.21
CA GLN A 92 -5.21 7.72 11.52
C GLN A 92 -3.75 7.28 11.47
N LYS A 93 -2.90 8.02 12.19
CA LYS A 93 -1.46 7.73 12.22
C LYS A 93 -1.13 6.30 12.65
N LYS A 94 -1.65 5.89 13.80
CA LYS A 94 -1.31 4.58 14.36
C LYS A 94 -1.82 3.45 13.48
N LEU A 95 -3.01 3.62 12.91
CA LEU A 95 -3.59 2.63 12.02
C LEU A 95 -2.76 2.50 10.74
N THR A 96 -2.46 3.65 10.14
CA THR A 96 -1.71 3.68 8.90
C THR A 96 -0.32 3.08 9.10
N GLY A 97 0.31 3.41 10.22
CA GLY A 97 1.62 2.87 10.55
C GLY A 97 1.62 1.37 10.76
N LEU A 98 0.60 0.87 11.45
CA LEU A 98 0.50 -0.57 11.71
C LEU A 98 0.24 -1.35 10.42
N LEU A 99 -0.67 -0.83 9.59
CA LEU A 99 -0.97 -1.45 8.30
C LEU A 99 0.30 -1.56 7.46
N LYS A 100 1.05 -0.48 7.41
CA LYS A 100 2.30 -0.46 6.66
C LYS A 100 3.23 -1.55 7.16
N TYR A 101 3.30 -1.70 8.48
CA TYR A 101 4.17 -2.70 9.09
C TYR A 101 3.77 -4.11 8.69
N TYR A 102 2.48 -4.38 8.74
CA TYR A 102 1.97 -5.69 8.36
C TYR A 102 2.18 -6.00 6.88
N SER A 103 1.90 -5.03 6.01
CA SER A 103 2.03 -5.25 4.58
C SER A 103 3.45 -5.68 4.22
N LEU A 104 4.42 -5.02 4.86
CA LEU A 104 5.83 -5.33 4.64
C LEU A 104 6.23 -6.65 5.29
N PHE A 105 5.69 -6.90 6.48
CA PHE A 105 6.01 -8.11 7.22
C PHE A 105 5.54 -9.35 6.45
N PHE A 106 4.25 -9.39 6.13
CA PHE A 106 3.70 -10.53 5.43
C PHE A 106 4.24 -10.68 4.01
N ARG A 107 4.67 -9.57 3.41
CA ARG A 107 5.30 -9.64 2.11
C ARG A 107 6.67 -10.30 2.23
N GLY A 108 7.37 -9.98 3.31
CA GLY A 108 8.64 -10.60 3.60
C GLY A 108 8.50 -12.09 3.84
N MET A 109 7.47 -12.47 4.60
CA MET A 109 7.21 -13.88 4.85
C MET A 109 6.80 -14.61 3.58
N TYR A 110 6.06 -13.93 2.71
CA TYR A 110 5.67 -14.53 1.43
C TYR A 110 6.90 -14.85 0.58
N GLU A 111 7.82 -13.90 0.52
CA GLU A 111 9.07 -14.09 -0.20
C GLU A 111 9.86 -15.24 0.44
N PHE A 112 9.89 -15.25 1.77
CA PHE A 112 10.57 -16.30 2.51
C PHE A 112 9.99 -17.68 2.18
N ASP A 113 8.67 -17.76 2.10
CA ASP A 113 8.00 -19.04 1.84
C ASP A 113 8.23 -19.56 0.42
N GLN A 114 8.57 -18.68 -0.51
CA GLN A 114 8.90 -19.11 -1.86
C GLN A 114 10.41 -19.12 -2.05
N LYS A 115 11.13 -19.07 -0.94
CA LYS A 115 12.59 -19.15 -0.94
C LYS A 115 13.28 -18.01 -1.69
N GLU A 116 12.59 -16.88 -1.81
CA GLU A 116 13.21 -15.67 -2.33
C GLU A 116 13.83 -14.95 -1.15
N TYR A 117 14.98 -15.42 -0.69
CA TYR A 117 15.54 -14.98 0.58
C TYR A 117 16.05 -13.53 0.56
N VAL A 118 16.72 -13.16 -0.52
CA VAL A 118 17.20 -11.79 -0.66
C VAL A 118 16.02 -10.82 -0.62
N GLU A 119 14.98 -11.10 -1.39
CA GLU A 119 13.77 -10.30 -1.35
C GLU A 119 13.21 -10.24 0.08
N ALA A 120 13.12 -11.40 0.73
CA ALA A 120 12.58 -11.47 2.09
C ALA A 120 13.33 -10.55 3.04
N ILE A 121 14.65 -10.64 3.03
CA ILE A 121 15.49 -9.81 3.89
C ILE A 121 15.17 -8.32 3.70
N GLY A 122 15.07 -7.91 2.44
CA GLY A 122 14.74 -6.54 2.11
C GLY A 122 13.44 -6.09 2.75
N TYR A 123 12.44 -6.95 2.73
CA TYR A 123 11.16 -6.61 3.35
C TYR A 123 11.25 -6.66 4.88
N TYR A 124 12.01 -7.62 5.39
CA TYR A 124 12.24 -7.70 6.83
C TYR A 124 12.85 -6.39 7.34
N ARG A 125 13.84 -5.87 6.62
CA ARG A 125 14.50 -4.65 7.02
C ARG A 125 13.53 -3.45 6.98
N GLU A 126 12.80 -3.32 5.89
CA GLU A 126 11.82 -2.24 5.77
C GLU A 126 10.76 -2.35 6.86
N ALA A 127 10.37 -3.57 7.19
CA ALA A 127 9.37 -3.81 8.22
C ALA A 127 9.87 -3.34 9.59
N GLU A 128 11.11 -3.69 9.91
CA GLU A 128 11.70 -3.30 11.19
C GLU A 128 11.68 -1.78 11.40
N LYS A 129 11.90 -1.02 10.33
CA LYS A 129 11.92 0.45 10.42
C LYS A 129 10.60 1.01 10.90
N GLU A 130 9.54 0.22 10.79
CA GLU A 130 8.21 0.65 11.24
C GLU A 130 8.00 0.40 12.73
N LEU A 131 8.80 -0.49 13.31
CA LEU A 131 8.67 -0.82 14.72
C LEU A 131 8.81 0.38 15.66
N PRO A 132 9.82 1.25 15.42
CA PRO A 132 10.05 2.40 16.31
C PRO A 132 8.81 3.26 16.49
N PHE A 133 7.86 3.15 15.56
CA PHE A 133 6.65 3.94 15.63
C PHE A 133 5.53 3.19 16.33
N VAL A 134 5.86 2.01 16.85
CA VAL A 134 4.91 1.21 17.62
C VAL A 134 5.27 1.21 19.11
N SER A 135 4.38 1.75 19.93
CA SER A 135 4.60 1.80 21.37
C SER A 135 4.17 0.49 22.03
N ASP A 136 4.91 -0.58 21.76
CA ASP A 136 4.60 -1.89 22.33
C ASP A 136 5.81 -2.82 22.21
N ASP A 137 6.39 -3.16 23.36
CA ASP A 137 7.63 -3.94 23.39
C ASP A 137 7.46 -5.40 22.96
N ILE A 138 6.29 -5.97 23.24
CA ILE A 138 6.01 -7.35 22.85
C ILE A 138 5.88 -7.47 21.33
N GLU A 139 5.25 -6.49 20.71
CA GLU A 139 5.14 -6.45 19.26
C GLU A 139 6.55 -6.49 18.65
N LYS A 140 7.46 -5.71 19.22
CA LYS A 140 8.85 -5.70 18.76
C LYS A 140 9.52 -7.07 18.97
N ALA A 141 9.32 -7.66 20.15
CA ALA A 141 9.87 -8.98 20.43
C ALA A 141 9.36 -10.00 19.41
N GLU A 142 8.07 -9.92 19.14
CA GLU A 142 7.39 -10.88 18.27
C GLU A 142 8.01 -10.84 16.87
N PHE A 143 8.29 -9.64 16.38
CA PHE A 143 8.97 -9.47 15.10
C PHE A 143 10.34 -10.12 15.11
N HIS A 144 11.10 -9.86 16.16
CA HIS A 144 12.46 -10.40 16.26
C HIS A 144 12.46 -11.92 16.35
N PHE A 145 11.49 -12.47 17.06
CA PHE A 145 11.37 -13.92 17.22
C PHE A 145 11.06 -14.60 15.90
N LYS A 146 10.06 -14.10 15.19
CA LYS A 146 9.61 -14.71 13.94
C LYS A 146 10.67 -14.59 12.85
N VAL A 147 11.31 -13.43 12.81
CA VAL A 147 12.38 -13.19 11.85
C VAL A 147 13.60 -14.05 12.21
N ALA A 148 13.87 -14.21 13.50
CA ALA A 148 14.96 -15.06 13.96
C ALA A 148 14.79 -16.48 13.43
N GLU A 149 13.56 -16.98 13.48
CA GLU A 149 13.26 -18.31 12.96
C GLU A 149 13.51 -18.38 11.47
N ALA A 150 13.11 -17.32 10.76
CA ALA A 150 13.33 -17.27 9.33
C ALA A 150 14.82 -17.29 9.00
N TYR A 151 15.60 -16.43 9.64
CA TYR A 151 17.03 -16.40 9.40
C TYR A 151 17.68 -17.74 9.72
N TYR A 152 17.17 -18.42 10.74
CA TYR A 152 17.66 -19.75 11.08
C TYR A 152 17.42 -20.74 9.93
N HIS A 153 16.19 -20.76 9.42
CA HIS A 153 15.85 -21.63 8.29
C HIS A 153 16.69 -21.25 7.07
N MET A 154 17.00 -19.95 6.96
CA MET A 154 17.84 -19.45 5.88
C MET A 154 19.32 -19.72 6.14
N LYS A 155 19.62 -20.39 7.26
CA LYS A 155 20.99 -20.69 7.62
C LYS A 155 21.86 -19.43 7.74
N GLN A 156 21.21 -18.31 8.04
CA GLN A 156 21.95 -17.10 8.39
C GLN A 156 21.96 -17.07 9.91
N THR A 157 22.74 -17.97 10.49
CA THR A 157 22.68 -18.29 11.90
C THR A 157 23.16 -17.16 12.83
N HIS A 158 24.14 -16.39 12.38
CA HIS A 158 24.63 -15.24 13.16
C HIS A 158 23.56 -14.17 13.27
N VAL A 159 22.92 -13.88 12.14
CA VAL A 159 21.85 -12.89 12.10
C VAL A 159 20.66 -13.39 12.90
N SER A 160 20.41 -14.69 12.84
CA SER A 160 19.34 -15.29 13.62
C SER A 160 19.58 -15.06 15.11
N MET A 161 20.83 -15.29 15.53
CA MET A 161 21.19 -15.13 16.93
C MET A 161 21.02 -13.69 17.36
N TYR A 162 21.46 -12.76 16.52
CA TYR A 162 21.28 -11.34 16.79
C TYR A 162 19.83 -11.05 17.12
N HIS A 163 18.94 -11.44 16.23
CA HIS A 163 17.51 -11.17 16.41
C HIS A 163 16.89 -11.90 17.60
N ILE A 164 17.22 -13.18 17.76
CA ILE A 164 16.60 -13.96 18.82
C ILE A 164 17.03 -13.47 20.20
N LEU A 165 18.22 -12.89 20.29
CA LEU A 165 18.70 -12.34 21.54
C LEU A 165 17.95 -11.06 21.92
N GLN A 166 17.43 -10.37 20.92
CA GLN A 166 16.61 -9.18 21.19
C GLN A 166 15.21 -9.58 21.64
N ALA A 167 14.70 -10.66 21.07
CA ALA A 167 13.41 -11.20 21.47
C ALA A 167 13.46 -11.67 22.92
N LEU A 168 14.42 -12.53 23.23
CA LEU A 168 14.56 -13.10 24.57
C LEU A 168 14.71 -12.03 25.65
N ASP A 169 15.42 -10.96 25.32
CA ASP A 169 15.61 -9.86 26.26
C ASP A 169 14.27 -9.30 26.71
N ILE A 170 13.42 -8.98 25.73
CA ILE A 170 12.11 -8.42 26.00
C ILE A 170 11.21 -9.41 26.73
N TYR A 171 11.29 -10.68 26.34
CA TYR A 171 10.48 -11.73 26.92
C TYR A 171 10.79 -11.93 28.40
N GLN A 172 12.07 -11.85 28.75
CA GLN A 172 12.50 -12.02 30.13
C GLN A 172 12.02 -10.87 31.01
N ASN A 173 11.77 -9.71 30.40
CA ASN A 173 11.21 -8.58 31.12
C ASN A 173 9.72 -8.76 31.37
N HIS A 174 9.14 -9.77 30.75
CA HIS A 174 7.73 -10.09 30.93
C HIS A 174 7.58 -11.56 31.32
N PRO A 175 7.69 -11.85 32.62
CA PRO A 175 7.69 -13.21 33.18
C PRO A 175 6.49 -14.06 32.74
N LEU A 176 5.41 -13.42 32.31
CA LEU A 176 4.23 -14.15 31.88
C LEU A 176 4.43 -14.80 30.50
N TYR A 177 5.44 -14.33 29.77
CA TYR A 177 5.73 -14.87 28.45
C TYR A 177 6.74 -16.01 28.50
N SER A 178 6.47 -16.99 29.36
CA SER A 178 7.39 -18.12 29.56
C SER A 178 7.49 -19.01 28.32
N ILE A 179 6.35 -19.24 27.67
CA ILE A 179 6.33 -20.06 26.47
C ILE A 179 7.30 -19.52 25.41
N ARG A 180 7.18 -18.23 25.10
CA ARG A 180 8.07 -17.59 24.13
C ARG A 180 9.51 -17.65 24.59
N THR A 181 9.72 -17.64 25.90
CA THR A 181 11.06 -17.69 26.49
C THR A 181 11.68 -19.06 26.24
N ILE A 182 10.88 -20.11 26.43
CA ILE A 182 11.35 -21.46 26.17
C ILE A 182 11.65 -21.65 24.69
N GLN A 183 10.73 -21.20 23.84
CA GLN A 183 10.92 -21.28 22.39
C GLN A 183 12.15 -20.51 21.97
N SER A 184 12.41 -19.38 22.64
CA SER A 184 13.58 -18.57 22.34
C SER A 184 14.86 -19.28 22.73
N LEU A 185 14.81 -20.01 23.84
CA LEU A 185 15.95 -20.80 24.28
C LEU A 185 16.23 -21.94 23.29
N PHE A 186 15.17 -22.58 22.80
CA PHE A 186 15.32 -23.61 21.79
C PHE A 186 15.99 -23.06 20.53
N VAL A 187 15.58 -21.87 20.13
CA VAL A 187 16.14 -21.23 18.94
C VAL A 187 17.63 -20.95 19.14
N ILE A 188 17.98 -20.43 20.32
CA ILE A 188 19.37 -20.14 20.64
C ILE A 188 20.22 -21.42 20.60
N ALA A 189 19.70 -22.48 21.22
CA ALA A 189 20.38 -23.78 21.20
C ALA A 189 20.53 -24.28 19.76
N GLY A 190 19.44 -24.23 19.01
CA GLY A 190 19.45 -24.67 17.62
C GLY A 190 20.50 -23.96 16.81
N ASN A 191 20.66 -22.65 17.06
CA ASN A 191 21.65 -21.85 16.36
C ASN A 191 23.08 -22.31 16.68
N TYR A 192 23.34 -22.53 17.96
CA TYR A 192 24.64 -23.07 18.37
C TYR A 192 24.92 -24.40 17.70
N ASP A 193 23.89 -25.23 17.60
CA ASP A 193 24.01 -26.53 16.94
C ASP A 193 24.53 -26.38 15.51
N ASP A 194 24.10 -25.33 14.82
CA ASP A 194 24.55 -25.07 13.45
C ASP A 194 26.08 -24.95 13.35
N PHE A 195 26.70 -24.52 14.44
CA PHE A 195 28.15 -24.39 14.46
C PHE A 195 28.79 -25.56 15.20
N LYS A 196 28.00 -26.59 15.45
CA LYS A 196 28.46 -27.80 16.15
C LYS A 196 28.92 -27.51 17.57
N HIS A 197 28.41 -26.42 18.16
CA HIS A 197 28.76 -26.11 19.54
C HIS A 197 27.67 -26.56 20.49
N TYR A 198 27.47 -27.88 20.56
CA TYR A 198 26.43 -28.45 21.40
C TYR A 198 26.64 -28.09 22.86
N ASP A 199 27.89 -27.97 23.28
CA ASP A 199 28.19 -27.60 24.66
C ASP A 199 27.67 -26.19 24.97
N LYS A 200 27.63 -25.31 23.98
CA LYS A 200 27.10 -23.96 24.19
C LYS A 200 25.58 -23.97 24.22
N ALA A 201 24.98 -24.90 23.48
CA ALA A 201 23.53 -25.02 23.44
C ALA A 201 22.96 -25.56 24.75
N LEU A 202 23.72 -26.46 25.38
CA LEU A 202 23.21 -27.20 26.53
C LEU A 202 22.68 -26.32 27.67
N PRO A 203 23.44 -25.28 28.06
CA PRO A 203 22.96 -24.43 29.15
C PRO A 203 21.57 -23.87 28.87
N HIS A 204 21.32 -23.45 27.62
CA HIS A 204 20.03 -22.89 27.26
C HIS A 204 18.93 -23.94 27.30
N LEU A 205 19.26 -25.16 26.88
CA LEU A 205 18.30 -26.26 26.94
C LEU A 205 17.95 -26.59 28.39
N GLU A 206 18.92 -26.47 29.28
CA GLU A 206 18.68 -26.76 30.70
C GLU A 206 17.78 -25.68 31.32
N ALA A 207 18.03 -24.43 30.98
CA ALA A 207 17.19 -23.34 31.48
C ALA A 207 15.77 -23.51 30.98
N ALA A 208 15.64 -23.93 29.72
CA ALA A 208 14.33 -24.20 29.14
C ALA A 208 13.62 -25.31 29.90
N LEU A 209 14.35 -26.39 30.21
CA LEU A 209 13.77 -27.48 30.98
C LEU A 209 13.26 -27.00 32.34
N GLU A 210 14.08 -26.24 33.05
CA GLU A 210 13.71 -25.75 34.38
C GLU A 210 12.48 -24.86 34.31
N LEU A 211 12.46 -23.95 33.34
CA LEU A 211 11.33 -23.04 33.16
C LEU A 211 10.06 -23.83 32.85
N ALA A 212 10.18 -24.80 31.96
CA ALA A 212 9.06 -25.64 31.54
C ALA A 212 8.44 -26.42 32.69
N MET A 213 9.29 -26.85 33.64
CA MET A 213 8.81 -27.59 34.80
C MET A 213 8.13 -26.67 35.82
N ASP A 214 8.60 -25.43 35.91
CA ASP A 214 7.98 -24.45 36.79
C ASP A 214 6.54 -24.18 36.36
N ILE A 215 6.34 -23.95 35.07
CA ILE A 215 5.00 -23.66 34.55
C ILE A 215 4.20 -24.94 34.34
N GLN A 216 4.77 -26.07 34.75
CA GLN A 216 4.11 -27.37 34.63
C GLN A 216 3.52 -27.60 33.23
N ASN A 217 4.35 -27.41 32.20
CA ASN A 217 3.94 -27.71 30.84
C ASN A 217 4.59 -28.99 30.36
N ASP A 218 3.80 -30.06 30.30
CA ASP A 218 4.33 -31.39 29.99
C ASP A 218 4.98 -31.48 28.60
N ARG A 219 4.30 -30.92 27.59
CA ARG A 219 4.85 -30.97 26.25
C ARG A 219 6.26 -30.39 26.21
N PHE A 220 6.43 -29.20 26.79
CA PHE A 220 7.73 -28.53 26.77
C PHE A 220 8.74 -29.19 27.71
N ILE A 221 8.24 -29.94 28.68
CA ILE A 221 9.12 -30.72 29.54
C ILE A 221 9.69 -31.88 28.72
N ALA A 222 8.82 -32.56 27.98
CA ALA A 222 9.22 -33.65 27.13
C ALA A 222 10.16 -33.18 26.02
N ILE A 223 9.81 -32.06 25.38
CA ILE A 223 10.61 -31.52 24.30
C ILE A 223 11.98 -31.08 24.79
N SER A 224 12.00 -30.40 25.93
CA SER A 224 13.26 -29.97 26.53
C SER A 224 14.18 -31.14 26.83
N LEU A 225 13.61 -32.20 27.38
CA LEU A 225 14.36 -33.40 27.73
C LEU A 225 14.90 -34.07 26.47
N LEU A 226 14.08 -34.07 25.42
CA LEU A 226 14.49 -34.61 24.13
C LEU A 226 15.65 -33.80 23.55
N ASN A 227 15.51 -32.47 23.61
CA ASN A 227 16.55 -31.58 23.12
C ASN A 227 17.86 -31.75 23.88
N ILE A 228 17.77 -31.91 25.19
CA ILE A 228 18.94 -32.19 26.01
C ILE A 228 19.60 -33.51 25.58
N ALA A 229 18.78 -34.54 25.40
CA ALA A 229 19.29 -35.85 24.98
C ALA A 229 20.00 -35.78 23.62
N ASN A 230 19.39 -35.12 22.65
CA ASN A 230 20.04 -34.95 21.35
C ASN A 230 21.35 -34.17 21.48
N SER A 231 21.36 -33.21 22.40
CA SER A 231 22.55 -32.41 22.63
C SER A 231 23.69 -33.29 23.14
N TYR A 232 23.41 -34.11 24.14
CA TYR A 232 24.39 -35.05 24.69
C TYR A 232 24.80 -36.08 23.65
N ASP A 233 23.83 -36.58 22.89
CA ASP A 233 24.12 -37.57 21.86
C ASP A 233 25.12 -37.02 20.87
N ARG A 234 24.95 -35.75 20.51
CA ARG A 234 25.82 -35.13 19.51
C ARG A 234 27.15 -34.64 20.10
N SER A 235 27.17 -34.37 21.40
CA SER A 235 28.40 -33.93 22.06
C SER A 235 29.29 -35.13 22.41
N GLY A 236 28.71 -36.32 22.34
CA GLY A 236 29.47 -37.55 22.56
C GLY A 236 29.28 -38.19 23.92
N ASP A 237 28.26 -37.76 24.65
CA ASP A 237 27.97 -38.33 25.97
C ASP A 237 26.76 -39.27 25.87
N ASP A 238 26.98 -40.45 25.30
CA ASP A 238 25.91 -41.40 25.05
C ASP A 238 25.12 -41.79 26.30
N GLN A 239 25.81 -41.93 27.42
CA GLN A 239 25.16 -42.32 28.67
C GLN A 239 24.13 -41.27 29.10
N MET A 240 24.55 -40.01 29.12
CA MET A 240 23.64 -38.92 29.44
C MET A 240 22.52 -38.81 28.41
N ALA A 241 22.88 -39.03 27.15
CA ALA A 241 21.90 -39.01 26.07
C ALA A 241 20.80 -40.04 26.33
N VAL A 242 21.21 -41.28 26.55
CA VAL A 242 20.24 -42.36 26.76
C VAL A 242 19.40 -42.08 27.99
N GLU A 243 20.03 -41.55 29.02
CA GLU A 243 19.36 -41.22 30.26
C GLU A 243 18.23 -40.22 30.02
N HIS A 244 18.52 -39.17 29.27
CA HIS A 244 17.52 -38.16 29.01
C HIS A 244 16.48 -38.63 27.99
N PHE A 245 16.90 -39.41 27.00
CA PHE A 245 15.95 -39.98 26.06
C PHE A 245 14.86 -40.73 26.82
N GLN A 246 15.28 -41.55 27.79
CA GLN A 246 14.34 -42.34 28.56
C GLN A 246 13.46 -41.47 29.46
N LYS A 247 14.00 -40.36 29.94
CA LYS A 247 13.20 -39.40 30.68
C LYS A 247 12.13 -38.79 29.78
N ALA A 248 12.53 -38.40 28.57
CA ALA A 248 11.59 -37.86 27.59
C ALA A 248 10.56 -38.93 27.20
N ALA A 249 11.02 -40.17 27.08
CA ALA A 249 10.14 -41.28 26.74
C ALA A 249 9.05 -41.44 27.79
N LYS A 250 9.44 -41.43 29.07
CA LYS A 250 8.50 -41.59 30.17
C LYS A 250 7.40 -40.55 30.11
N VAL A 251 7.78 -39.28 30.15
CA VAL A 251 6.82 -38.19 30.12
C VAL A 251 5.96 -38.25 28.85
N SER A 252 6.55 -38.75 27.77
CA SER A 252 5.84 -38.92 26.51
C SER A 252 4.74 -39.98 26.61
N ARG A 253 5.13 -41.22 26.93
CA ARG A 253 4.18 -42.32 27.05
C ARG A 253 3.04 -41.99 28.00
N GLU A 254 3.32 -41.17 29.00
CA GLU A 254 2.35 -40.90 30.07
C GLU A 254 1.46 -39.68 29.81
N LYS A 255 1.99 -38.69 29.09
CA LYS A 255 1.25 -37.44 28.91
C LYS A 255 1.31 -36.84 27.51
N VAL A 256 2.35 -37.14 26.74
CA VAL A 256 2.47 -36.61 25.39
C VAL A 256 3.00 -37.64 24.39
N PRO A 257 2.16 -38.63 24.05
CA PRO A 257 2.54 -39.76 23.20
C PRO A 257 2.96 -39.37 21.78
N ASP A 258 2.43 -38.26 21.26
CA ASP A 258 2.70 -37.88 19.88
C ASP A 258 4.17 -37.51 19.66
N LEU A 259 4.94 -37.47 20.75
CA LEU A 259 6.37 -37.20 20.67
C LEU A 259 7.17 -38.49 20.61
N LEU A 260 6.49 -39.60 20.86
CA LEU A 260 7.16 -40.90 20.99
C LEU A 260 8.01 -41.29 19.77
N PRO A 261 7.45 -41.13 18.55
CA PRO A 261 8.25 -41.51 17.38
C PRO A 261 9.61 -40.80 17.35
N LYS A 262 9.60 -39.49 17.54
CA LYS A 262 10.85 -38.73 17.53
C LYS A 262 11.75 -39.12 18.69
N VAL A 263 11.15 -39.32 19.86
CA VAL A 263 11.91 -39.73 21.04
C VAL A 263 12.54 -41.12 20.85
N LEU A 264 11.75 -42.07 20.33
CA LEU A 264 12.24 -43.42 20.15
C LEU A 264 13.29 -43.54 19.03
N PHE A 265 13.27 -42.62 18.07
CA PHE A 265 14.28 -42.65 17.02
C PHE A 265 15.64 -42.17 17.53
N GLY A 266 15.62 -41.14 18.36
CA GLY A 266 16.85 -40.65 18.97
C GLY A 266 17.44 -41.71 19.86
N LEU A 267 16.60 -42.30 20.71
CA LEU A 267 17.04 -43.37 21.59
C LEU A 267 17.64 -44.52 20.79
N SER A 268 16.94 -44.95 19.74
CA SER A 268 17.40 -46.07 18.91
C SER A 268 18.73 -45.77 18.21
N TRP A 269 18.79 -44.63 17.54
CA TRP A 269 20.00 -44.24 16.84
C TRP A 269 21.19 -44.20 17.81
N THR A 270 20.99 -43.58 18.96
CA THR A 270 22.03 -43.46 19.97
C THR A 270 22.49 -44.82 20.45
N LEU A 271 21.55 -45.73 20.65
CA LEU A 271 21.87 -47.07 21.10
C LEU A 271 22.64 -47.84 20.04
N CYS A 272 22.29 -47.63 18.77
CA CYS A 272 22.98 -48.28 17.66
C CYS A 272 24.43 -47.81 17.53
N LYS A 273 24.64 -46.51 17.68
CA LYS A 273 25.97 -45.95 17.63
C LYS A 273 26.80 -46.40 18.83
N ALA A 274 26.11 -46.73 19.91
CA ALA A 274 26.77 -47.19 21.13
C ALA A 274 27.03 -48.70 21.10
N GLY A 275 26.65 -49.35 20.01
CA GLY A 275 26.89 -50.76 19.85
C GLY A 275 25.85 -51.66 20.52
N GLN A 276 24.79 -51.06 21.05
CA GLN A 276 23.73 -51.79 21.71
C GLN A 276 22.53 -52.00 20.79
N THR A 277 22.78 -52.63 19.65
CA THR A 277 21.76 -52.76 18.60
C THR A 277 20.55 -53.60 19.00
N GLN A 278 20.77 -54.65 19.77
CA GLN A 278 19.66 -55.51 20.18
C GLN A 278 18.65 -54.73 21.02
N LYS A 279 19.16 -53.94 21.95
CA LYS A 279 18.30 -53.09 22.77
C LYS A 279 17.63 -52.05 21.88
N ALA A 280 18.37 -51.53 20.90
CA ALA A 280 17.83 -50.54 19.99
C ALA A 280 16.67 -51.08 19.18
N PHE A 281 16.83 -52.28 18.63
CA PHE A 281 15.82 -52.87 17.77
C PHE A 281 14.46 -52.91 18.45
N GLN A 282 14.48 -53.05 19.77
CA GLN A 282 13.25 -53.06 20.55
C GLN A 282 12.50 -51.74 20.41
N PHE A 283 13.22 -50.63 20.57
CA PHE A 283 12.60 -49.32 20.51
C PHE A 283 12.28 -48.92 19.08
N ILE A 284 13.02 -49.48 18.13
CA ILE A 284 12.74 -49.26 16.71
C ILE A 284 11.39 -49.85 16.34
N GLU A 285 11.18 -51.11 16.69
CA GLU A 285 9.91 -51.76 16.42
C GLU A 285 8.77 -51.06 17.16
N GLU A 286 9.07 -50.54 18.35
CA GLU A 286 8.08 -49.84 19.14
C GLU A 286 7.67 -48.54 18.47
N GLY A 287 8.63 -47.82 17.91
CA GLY A 287 8.36 -46.57 17.23
C GLY A 287 7.57 -46.75 15.95
N LEU A 288 7.84 -47.85 15.24
CA LEU A 288 7.12 -48.15 14.00
C LEU A 288 5.65 -48.46 14.25
N ASP A 289 5.33 -48.91 15.46
CA ASP A 289 3.96 -49.26 15.81
C ASP A 289 3.13 -48.05 16.23
N HIS A 290 3.81 -46.97 16.61
CA HIS A 290 3.13 -45.74 17.04
C HIS A 290 2.83 -44.81 15.87
N ILE A 291 3.55 -45.00 14.76
CA ILE A 291 3.38 -44.14 13.59
C ILE A 291 2.02 -44.32 12.94
N THR A 292 1.37 -43.20 12.62
CA THR A 292 0.06 -43.24 11.99
C THR A 292 0.14 -42.74 10.55
N ALA A 293 -0.84 -43.11 9.73
CA ALA A 293 -0.85 -42.72 8.32
C ALA A 293 -0.98 -41.20 8.16
N ARG A 294 -1.65 -40.56 9.12
CA ARG A 294 -1.88 -39.13 9.07
C ARG A 294 -0.56 -38.34 9.10
N SER A 295 0.44 -38.94 9.73
CA SER A 295 1.73 -38.29 9.92
C SER A 295 2.27 -37.61 8.67
N HIS A 296 3.04 -36.54 8.88
CA HIS A 296 3.68 -35.82 7.78
C HIS A 296 5.20 -35.97 7.86
N LYS A 297 5.67 -36.70 8.87
CA LYS A 297 7.10 -36.89 9.05
C LYS A 297 7.60 -38.14 8.34
N PHE A 298 8.91 -38.33 8.34
CA PHE A 298 9.52 -39.48 7.68
C PHE A 298 10.23 -40.39 8.67
N TYR A 299 9.85 -40.32 9.94
CA TYR A 299 10.45 -41.20 10.96
C TYR A 299 10.31 -42.66 10.57
N LYS A 300 9.30 -42.97 9.78
CA LYS A 300 9.11 -44.33 9.29
C LYS A 300 10.31 -44.76 8.46
N GLU A 301 10.79 -43.86 7.60
CA GLU A 301 11.93 -44.16 6.73
C GLU A 301 13.25 -44.15 7.49
N LEU A 302 13.34 -43.28 8.49
CA LEU A 302 14.51 -43.24 9.36
C LEU A 302 14.60 -44.52 10.21
N PHE A 303 13.46 -44.98 10.70
CA PHE A 303 13.43 -46.22 11.46
C PHE A 303 13.87 -47.38 10.59
N LEU A 304 13.32 -47.45 9.38
CA LEU A 304 13.65 -48.53 8.46
C LEU A 304 15.14 -48.51 8.09
N PHE A 305 15.72 -47.32 8.02
CA PHE A 305 17.14 -47.21 7.70
C PHE A 305 18.01 -47.75 8.83
N LEU A 306 17.61 -47.47 10.07
CA LEU A 306 18.32 -47.98 11.24
C LEU A 306 18.35 -49.50 11.22
N GLN A 307 17.20 -50.10 10.98
CA GLN A 307 17.12 -51.56 10.93
C GLN A 307 18.07 -52.10 9.87
N ALA A 308 18.07 -51.46 8.72
CA ALA A 308 18.80 -51.97 7.55
C ALA A 308 20.31 -51.88 7.70
N VAL A 309 20.78 -50.78 8.27
CA VAL A 309 22.21 -50.50 8.30
C VAL A 309 22.91 -51.09 9.53
N TYR A 310 22.20 -51.22 10.63
CA TYR A 310 22.77 -51.76 11.86
C TYR A 310 22.46 -53.25 12.06
N LYS A 311 21.76 -53.84 11.09
CA LYS A 311 21.48 -55.27 11.09
C LYS A 311 22.77 -56.05 11.02
N GLU A 312 22.80 -57.24 11.64
CA GLU A 312 23.99 -58.07 11.62
C GLU A 312 24.62 -58.10 10.22
N THR A 313 23.80 -58.44 9.22
CA THR A 313 24.21 -58.32 7.83
C THR A 313 23.47 -57.13 7.19
N VAL A 314 24.22 -56.10 6.83
CA VAL A 314 23.63 -54.88 6.29
C VAL A 314 22.65 -55.17 5.16
N ASP A 315 21.48 -54.54 5.22
CA ASP A 315 20.46 -54.68 4.19
C ASP A 315 20.67 -53.61 3.11
N GLU A 316 21.56 -53.90 2.17
CA GLU A 316 21.97 -52.91 1.16
C GLU A 316 20.86 -52.51 0.19
N ARG A 317 19.98 -53.45 -0.15
CA ARG A 317 18.87 -53.16 -1.05
C ARG A 317 17.87 -52.19 -0.42
N LYS A 318 17.50 -52.46 0.82
CA LYS A 318 16.61 -51.57 1.55
C LYS A 318 17.21 -50.17 1.61
N ILE A 319 18.51 -50.11 1.90
CA ILE A 319 19.21 -48.84 2.02
C ILE A 319 19.13 -48.04 0.72
N HIS A 320 19.37 -48.72 -0.39
CA HIS A 320 19.32 -48.11 -1.71
C HIS A 320 17.92 -47.58 -2.04
N ASP A 321 16.90 -48.35 -1.68
CA ASP A 321 15.52 -47.94 -1.94
C ASP A 321 15.14 -46.70 -1.12
N LEU A 322 15.59 -46.66 0.14
CA LEU A 322 15.31 -45.53 1.01
C LEU A 322 16.01 -44.27 0.55
N LEU A 323 17.30 -44.39 0.23
CA LEU A 323 18.07 -43.25 -0.22
C LEU A 323 17.53 -42.74 -1.55
N SER A 324 17.03 -43.65 -2.38
CA SER A 324 16.41 -43.30 -3.64
C SER A 324 15.10 -42.57 -3.38
N TYR A 325 14.36 -43.06 -2.40
CA TYR A 325 13.10 -42.43 -2.00
C TYR A 325 13.35 -41.01 -1.51
N PHE A 326 14.37 -40.85 -0.67
CA PHE A 326 14.75 -39.54 -0.16
C PHE A 326 15.17 -38.62 -1.31
N GLU A 327 15.96 -39.15 -2.23
CA GLU A 327 16.39 -38.40 -3.40
C GLU A 327 15.18 -37.82 -4.13
N LYS A 328 14.14 -38.63 -4.26
CA LYS A 328 12.96 -38.24 -5.00
C LYS A 328 12.27 -37.03 -4.39
N LYS A 329 12.07 -37.06 -3.07
CA LYS A 329 11.43 -35.95 -2.38
C LYS A 329 12.41 -34.85 -1.98
N ASN A 330 13.60 -34.87 -2.59
CA ASN A 330 14.63 -33.88 -2.30
C ASN A 330 14.89 -33.72 -0.80
N LEU A 331 15.01 -34.85 -0.09
CA LEU A 331 15.32 -34.83 1.33
C LEU A 331 16.82 -35.06 1.53
N HIS A 332 17.62 -34.08 1.12
CA HIS A 332 19.06 -34.23 1.08
C HIS A 332 19.69 -34.28 2.48
N ALA A 333 19.04 -33.62 3.44
CA ALA A 333 19.48 -33.66 4.82
C ALA A 333 19.44 -35.09 5.36
N TYR A 334 18.39 -35.83 5.00
CA TYR A 334 18.24 -37.22 5.44
C TYR A 334 19.26 -38.10 4.76
N ILE A 335 19.52 -37.84 3.48
CA ILE A 335 20.51 -38.59 2.73
C ILE A 335 21.87 -38.44 3.38
N GLU A 336 22.26 -37.20 3.67
CA GLU A 336 23.55 -36.93 4.29
C GLU A 336 23.74 -37.67 5.61
N ALA A 337 22.72 -37.58 6.47
CA ALA A 337 22.79 -38.19 7.79
C ALA A 337 22.85 -39.72 7.72
N CYS A 338 21.94 -40.31 6.94
CA CYS A 338 21.93 -41.75 6.74
C CYS A 338 23.21 -42.25 6.09
N ALA A 339 23.68 -41.54 5.08
CA ALA A 339 24.91 -41.90 4.39
C ALA A 339 26.11 -41.82 5.33
N ARG A 340 26.05 -40.87 6.27
CA ARG A 340 27.11 -40.74 7.26
C ARG A 340 27.16 -42.02 8.09
N SER A 341 25.99 -42.47 8.54
CA SER A 341 25.90 -43.67 9.35
C SER A 341 26.42 -44.88 8.58
N ALA A 342 25.90 -45.09 7.37
CA ALA A 342 26.29 -46.23 6.55
C ALA A 342 27.81 -46.29 6.36
N ALA A 343 28.43 -45.14 6.14
CA ALA A 343 29.87 -45.08 5.95
C ALA A 343 30.62 -45.57 7.18
N ALA A 344 30.12 -45.21 8.36
CA ALA A 344 30.74 -45.61 9.61
C ALA A 344 30.57 -47.10 9.87
N VAL A 345 29.37 -47.61 9.58
CA VAL A 345 29.10 -49.03 9.75
C VAL A 345 30.02 -49.88 8.87
N PHE A 346 30.15 -49.50 7.60
CA PHE A 346 31.01 -50.27 6.69
C PHE A 346 32.49 -50.17 7.07
N GLU A 347 32.93 -48.99 7.47
CA GLU A 347 34.31 -48.83 7.95
C GLU A 347 34.61 -49.78 9.09
N SER A 348 33.63 -49.97 9.97
CA SER A 348 33.83 -50.79 11.16
C SER A 348 34.17 -52.23 10.81
N SER A 349 33.74 -52.67 9.64
CA SER A 349 34.04 -54.01 9.15
C SER A 349 35.11 -53.97 8.08
N CYS A 350 35.80 -52.83 7.99
CA CYS A 350 36.87 -52.65 7.01
C CYS A 350 36.40 -52.79 5.57
N HIS A 351 35.11 -52.59 5.34
CA HIS A 351 34.57 -52.56 3.99
C HIS A 351 34.62 -51.13 3.45
N PHE A 352 35.82 -50.72 3.02
CA PHE A 352 36.09 -49.34 2.67
C PHE A 352 35.56 -48.91 1.31
N GLU A 353 35.40 -49.86 0.40
CA GLU A 353 34.82 -49.55 -0.91
C GLU A 353 33.38 -49.08 -0.72
N GLN A 354 32.62 -49.84 0.05
CA GLN A 354 31.26 -49.45 0.41
C GLN A 354 31.28 -48.11 1.15
N ALA A 355 32.22 -47.96 2.07
CA ALA A 355 32.36 -46.73 2.84
C ALA A 355 32.56 -45.54 1.91
N ALA A 356 33.57 -45.61 1.05
CA ALA A 356 33.86 -44.53 0.12
C ALA A 356 32.62 -44.14 -0.69
N ALA A 357 31.87 -45.15 -1.14
CA ALA A 357 30.64 -44.90 -1.89
C ALA A 357 29.67 -44.00 -1.11
N PHE A 358 29.51 -44.30 0.18
CA PHE A 358 28.60 -43.51 1.00
C PHE A 358 29.16 -42.14 1.32
N TYR A 359 30.47 -42.03 1.49
CA TYR A 359 31.11 -40.75 1.69
C TYR A 359 30.85 -39.81 0.50
N ARG A 360 30.85 -40.38 -0.71
CA ARG A 360 30.56 -39.59 -1.90
C ARG A 360 29.10 -39.12 -1.91
N LYS A 361 28.21 -39.96 -1.42
CA LYS A 361 26.81 -39.61 -1.30
C LYS A 361 26.64 -38.48 -0.28
N VAL A 362 27.47 -38.52 0.76
CA VAL A 362 27.45 -37.49 1.78
C VAL A 362 27.83 -36.14 1.19
N LEU A 363 28.99 -36.09 0.54
CA LEU A 363 29.47 -34.84 -0.05
C LEU A 363 28.50 -34.32 -1.11
N LYS A 364 27.92 -35.23 -1.87
CA LYS A 364 26.92 -34.86 -2.87
C LYS A 364 25.69 -34.22 -2.21
N ALA A 365 25.15 -34.88 -1.20
CA ALA A 365 23.98 -34.37 -0.49
C ALA A 365 24.24 -32.96 0.05
N GLN A 366 25.43 -32.73 0.58
CA GLN A 366 25.81 -31.42 1.10
C GLN A 366 25.70 -30.33 0.03
N GLU A 367 26.21 -30.63 -1.16
CA GLU A 367 26.15 -29.67 -2.26
C GLU A 367 24.72 -29.47 -2.76
N ASP A 368 23.92 -30.54 -2.74
CA ASP A 368 22.54 -30.45 -3.18
C ASP A 368 21.70 -29.60 -2.22
N ILE A 369 22.04 -29.67 -0.94
CA ILE A 369 21.38 -28.83 0.05
C ILE A 369 21.69 -27.36 -0.22
N LEU A 370 22.97 -27.04 -0.35
CA LEU A 370 23.39 -25.67 -0.63
C LEU A 370 22.74 -25.11 -1.88
N LYS A 371 22.68 -25.89 -2.95
CA LYS A 371 22.08 -25.42 -4.20
C LYS A 371 20.60 -25.10 -4.03
N GLY A 372 19.92 -25.89 -3.21
CA GLY A 372 18.50 -25.67 -2.97
C GLY A 372 18.23 -24.44 -2.12
N GLU A 373 19.28 -23.89 -1.51
CA GLU A 373 19.14 -22.73 -0.65
C GLU A 373 19.18 -21.43 -1.45
N CYS A 374 19.65 -21.51 -2.69
CA CYS A 374 19.79 -20.33 -3.53
C CYS A 374 19.07 -20.52 -4.86
N LEU A 375 17.84 -19.99 -4.95
CA LEU A 375 17.03 -20.18 -6.14
C LEU A 375 16.92 -18.90 -6.97
N TYR A 376 17.35 -17.77 -6.42
CA TYR A 376 17.29 -16.51 -7.17
C TYR A 376 18.40 -16.42 -8.22
N ALA A 377 18.34 -15.39 -9.05
CA ALA A 377 19.29 -15.27 -10.15
C ALA A 377 19.58 -13.83 -10.56
N TYR A 378 19.84 -12.96 -9.59
CA TYR A 378 20.27 -11.61 -9.88
C TYR A 378 21.54 -11.63 -10.71
N ALA B 6 -23.01 13.69 -18.45
CA ALA B 6 -22.12 14.79 -18.09
C ALA B 6 -21.99 15.77 -19.25
N ILE B 7 -22.93 16.70 -19.34
CA ILE B 7 -22.92 17.71 -20.39
C ILE B 7 -21.63 18.53 -20.35
N PRO B 8 -20.90 18.55 -21.47
CA PRO B 8 -19.64 19.29 -21.57
C PRO B 8 -19.86 20.78 -21.34
N SER B 9 -18.88 21.43 -20.73
CA SER B 9 -19.01 22.86 -20.44
C SER B 9 -19.14 23.66 -21.74
N SER B 10 -18.59 23.12 -22.82
CA SER B 10 -18.63 23.79 -24.11
C SER B 10 -20.06 23.86 -24.66
N ARG B 11 -20.82 22.78 -24.48
CA ARG B 11 -22.19 22.74 -24.97
C ARG B 11 -23.05 23.80 -24.30
N VAL B 12 -22.89 23.94 -22.99
CA VAL B 12 -23.66 24.91 -22.23
C VAL B 12 -23.25 26.33 -22.61
N GLY B 13 -22.00 26.49 -23.02
CA GLY B 13 -21.48 27.78 -23.42
C GLY B 13 -22.25 28.42 -24.56
N VAL B 14 -22.33 27.72 -25.69
CA VAL B 14 -23.05 28.22 -26.85
C VAL B 14 -24.51 28.53 -26.49
N LYS B 15 -25.12 27.68 -25.65
CA LYS B 15 -26.48 27.89 -25.19
C LYS B 15 -26.63 29.30 -24.62
N ILE B 16 -25.74 29.65 -23.70
CA ILE B 16 -25.74 30.97 -23.08
C ILE B 16 -25.50 32.08 -24.10
N ASN B 17 -24.72 31.78 -25.14
CA ASN B 17 -24.51 32.71 -26.24
C ASN B 17 -25.82 33.08 -26.91
N GLU B 18 -26.66 32.07 -27.13
CA GLU B 18 -28.00 32.28 -27.66
C GLU B 18 -28.80 33.12 -26.66
N TRP B 19 -28.68 32.77 -25.39
CA TRP B 19 -29.32 33.49 -24.31
C TRP B 19 -28.95 34.97 -24.35
N TYR B 20 -27.68 35.26 -24.62
CA TYR B 20 -27.21 36.64 -24.68
C TYR B 20 -27.77 37.40 -25.89
N LYS B 21 -27.80 36.73 -27.04
CA LYS B 21 -28.34 37.34 -28.25
C LYS B 21 -29.83 37.63 -28.12
N MET B 22 -30.49 36.93 -27.20
CA MET B 22 -31.92 37.13 -26.96
C MET B 22 -32.15 38.30 -26.00
N ILE B 23 -31.12 38.65 -25.23
CA ILE B 23 -31.19 39.78 -24.33
C ILE B 23 -30.97 41.09 -25.07
N ARG B 24 -29.98 41.09 -25.95
CA ARG B 24 -29.61 42.30 -26.69
C ARG B 24 -30.73 42.80 -27.61
N GLN B 25 -31.67 41.91 -27.92
CA GLN B 25 -32.83 42.29 -28.72
C GLN B 25 -34.10 42.26 -27.86
N PHE B 26 -33.92 42.18 -26.55
CA PHE B 26 -35.03 42.24 -25.60
C PHE B 26 -36.11 41.22 -25.91
N SER B 27 -35.69 40.02 -26.32
CA SER B 27 -36.61 38.94 -26.65
C SER B 27 -36.99 38.12 -25.42
N VAL B 28 -37.77 38.73 -24.53
CA VAL B 28 -38.19 38.07 -23.29
C VAL B 28 -39.36 37.13 -23.54
N ASP B 48 -15.73 22.90 -14.53
CA ASP B 48 -15.43 24.16 -15.19
C ASP B 48 -16.01 25.34 -14.42
N GLN B 49 -15.14 26.09 -13.75
CA GLN B 49 -15.56 27.25 -12.99
C GLN B 49 -15.79 28.47 -13.88
N ASP B 50 -15.11 28.50 -15.02
CA ASP B 50 -15.24 29.59 -15.98
C ASP B 50 -16.68 29.69 -16.49
N LEU B 51 -17.28 28.54 -16.77
CA LEU B 51 -18.66 28.50 -17.26
C LEU B 51 -19.61 29.15 -16.26
N LEU B 52 -19.48 28.79 -14.99
CA LEU B 52 -20.36 29.30 -13.94
C LEU B 52 -20.28 30.82 -13.84
N ILE B 53 -19.09 31.36 -13.98
CA ILE B 53 -18.89 32.80 -13.97
C ILE B 53 -19.67 33.46 -15.11
N TYR B 54 -19.57 32.89 -16.30
CA TYR B 54 -20.25 33.42 -17.47
C TYR B 54 -21.76 33.29 -17.33
N TYR B 55 -22.19 32.31 -16.56
CA TYR B 55 -23.61 32.12 -16.27
C TYR B 55 -24.14 33.20 -15.33
N SER B 56 -23.37 33.51 -14.30
CA SER B 56 -23.79 34.48 -13.29
C SER B 56 -23.79 35.90 -13.85
N LEU B 57 -22.82 36.21 -14.71
CA LEU B 57 -22.75 37.52 -15.34
C LEU B 57 -23.95 37.77 -16.25
N MET B 58 -24.51 36.70 -16.80
CA MET B 58 -25.66 36.80 -17.70
C MET B 58 -26.96 36.95 -16.93
N CYS B 59 -26.94 36.59 -15.65
CA CYS B 59 -28.10 36.79 -14.77
C CYS B 59 -28.27 38.29 -14.48
N PHE B 60 -27.16 38.95 -14.18
CA PHE B 60 -27.16 40.39 -13.95
C PHE B 60 -27.49 41.14 -15.24
N ARG B 61 -26.98 40.62 -16.36
CA ARG B 61 -27.24 41.22 -17.66
C ARG B 61 -28.71 41.03 -18.05
N HIS B 62 -29.26 39.86 -17.70
CA HIS B 62 -30.67 39.59 -17.93
C HIS B 62 -31.54 40.47 -17.05
N GLN B 63 -31.05 40.76 -15.85
CA GLN B 63 -31.74 41.63 -14.91
C GLN B 63 -31.71 43.08 -15.42
N LEU B 64 -30.61 43.45 -16.09
CA LEU B 64 -30.47 44.80 -16.63
C LEU B 64 -31.50 45.05 -17.72
N MET B 65 -31.64 44.09 -18.63
CA MET B 65 -32.66 44.15 -19.66
C MET B 65 -34.02 44.44 -19.05
N LEU B 66 -34.35 43.72 -17.98
CA LEU B 66 -35.63 43.89 -17.30
C LEU B 66 -35.73 45.25 -16.63
N ASP B 67 -34.59 45.83 -16.27
CA ASP B 67 -34.55 47.14 -15.64
C ASP B 67 -34.86 48.24 -16.65
N TYR B 68 -34.58 47.95 -17.92
CA TYR B 68 -34.84 48.90 -19.00
C TYR B 68 -35.99 48.42 -19.87
N ILE B 88 -27.26 51.28 -21.25
CA ILE B 88 -27.14 50.01 -20.54
C ILE B 88 -25.73 49.45 -20.62
N GLU B 89 -25.21 49.32 -21.85
CA GLU B 89 -23.90 48.72 -22.06
C GLU B 89 -22.76 49.73 -21.90
N THR B 90 -23.04 50.98 -22.24
CA THR B 90 -22.07 52.06 -22.02
C THR B 90 -21.74 52.20 -20.54
N PRO B 91 -22.77 52.23 -19.67
CA PRO B 91 -22.52 52.27 -18.22
C PRO B 91 -21.90 50.96 -17.72
N GLN B 92 -21.74 50.00 -18.61
CA GLN B 92 -21.18 48.70 -18.24
C GLN B 92 -20.16 48.22 -19.28
N LYS B 93 -19.08 48.98 -19.43
CA LYS B 93 -18.05 48.65 -20.41
C LYS B 93 -17.28 47.40 -20.03
N LYS B 94 -16.98 47.25 -18.75
CA LYS B 94 -16.21 46.12 -18.26
C LYS B 94 -17.04 44.84 -18.26
N LEU B 95 -18.33 44.98 -17.99
CA LEU B 95 -19.25 43.84 -17.99
C LEU B 95 -19.47 43.32 -19.40
N THR B 96 -19.90 44.20 -20.30
CA THR B 96 -20.21 43.82 -21.67
C THR B 96 -18.96 43.30 -22.40
N GLY B 97 -17.81 43.90 -22.09
CA GLY B 97 -16.55 43.50 -22.69
C GLY B 97 -16.17 42.08 -22.32
N LEU B 98 -16.44 41.71 -21.07
CA LEU B 98 -16.16 40.36 -20.61
C LEU B 98 -17.15 39.36 -21.21
N LEU B 99 -18.41 39.79 -21.32
CA LEU B 99 -19.45 38.94 -21.87
C LEU B 99 -19.18 38.60 -23.34
N LYS B 100 -18.63 39.55 -24.08
CA LYS B 100 -18.33 39.33 -25.49
C LYS B 100 -17.13 38.39 -25.63
N TYR B 101 -16.29 38.36 -24.60
CA TYR B 101 -15.17 37.43 -24.57
C TYR B 101 -15.67 36.00 -24.35
N TYR B 102 -16.42 35.79 -23.28
CA TYR B 102 -16.90 34.46 -22.94
C TYR B 102 -17.65 33.80 -24.09
N SER B 103 -18.57 34.53 -24.70
CA SER B 103 -19.40 33.99 -25.78
C SER B 103 -18.58 33.29 -26.85
N LEU B 104 -17.50 33.95 -27.28
CA LEU B 104 -16.68 33.43 -28.35
C LEU B 104 -15.78 32.27 -27.86
N PHE B 105 -15.36 32.33 -26.61
CA PHE B 105 -14.48 31.31 -26.04
C PHE B 105 -15.13 29.92 -26.05
N PHE B 106 -16.33 29.82 -25.49
CA PHE B 106 -17.00 28.54 -25.38
C PHE B 106 -17.48 27.98 -26.72
N ARG B 107 -17.81 28.87 -27.66
CA ARG B 107 -18.20 28.42 -28.99
C ARG B 107 -17.00 27.75 -29.66
N GLY B 108 -15.81 28.33 -29.46
CA GLY B 108 -14.58 27.75 -29.98
C GLY B 108 -14.29 26.40 -29.39
N MET B 109 -14.32 26.31 -28.06
CA MET B 109 -14.09 25.05 -27.36
C MET B 109 -15.11 24.01 -27.83
N TYR B 110 -16.33 24.48 -28.08
CA TYR B 110 -17.39 23.63 -28.61
C TYR B 110 -16.99 23.03 -29.95
N GLU B 111 -16.42 23.85 -30.81
CA GLU B 111 -15.97 23.38 -32.12
C GLU B 111 -14.73 22.51 -31.97
N PHE B 112 -13.84 22.91 -31.07
CA PHE B 112 -12.65 22.12 -30.76
C PHE B 112 -13.02 20.72 -30.28
N ASP B 113 -14.00 20.65 -29.38
CA ASP B 113 -14.47 19.36 -28.91
C ASP B 113 -15.12 18.57 -30.06
N GLN B 114 -15.58 19.29 -31.08
CA GLN B 114 -16.19 18.67 -32.26
C GLN B 114 -15.17 18.28 -33.32
N LYS B 115 -13.91 18.61 -33.07
CA LYS B 115 -12.84 18.35 -34.05
C LYS B 115 -12.97 19.28 -35.26
N GLU B 116 -13.87 20.25 -35.17
CA GLU B 116 -13.98 21.29 -36.20
C GLU B 116 -12.95 22.36 -35.93
N TYR B 117 -11.69 22.01 -36.14
CA TYR B 117 -10.56 22.84 -35.74
C TYR B 117 -10.49 24.20 -36.44
N VAL B 118 -10.90 24.24 -37.71
CA VAL B 118 -10.91 25.49 -38.44
C VAL B 118 -11.93 26.46 -37.86
N GLU B 119 -13.17 25.98 -37.70
CA GLU B 119 -14.20 26.77 -37.02
C GLU B 119 -13.71 27.18 -35.65
N ALA B 120 -13.14 26.20 -34.93
CA ALA B 120 -12.69 26.42 -33.55
C ALA B 120 -11.66 27.54 -33.50
N ILE B 121 -10.73 27.50 -34.44
CA ILE B 121 -9.69 28.51 -34.55
C ILE B 121 -10.28 29.89 -34.76
N GLY B 122 -11.32 29.96 -35.58
CA GLY B 122 -11.98 31.21 -35.90
C GLY B 122 -12.57 31.88 -34.68
N TYR B 123 -13.33 31.11 -33.91
CA TYR B 123 -13.90 31.61 -32.67
C TYR B 123 -12.84 31.98 -31.64
N TYR B 124 -11.72 31.27 -31.63
CA TYR B 124 -10.62 31.62 -30.74
C TYR B 124 -10.06 32.99 -31.11
N ARG B 125 -10.24 33.34 -32.39
CA ARG B 125 -9.68 34.57 -32.94
C ARG B 125 -10.40 35.81 -32.46
N GLU B 126 -11.72 35.75 -32.45
CA GLU B 126 -12.55 36.89 -32.05
C GLU B 126 -12.49 37.07 -30.54
N ALA B 127 -12.51 35.96 -29.82
CA ALA B 127 -12.42 36.01 -28.36
C ALA B 127 -11.19 36.81 -27.93
N GLU B 128 -10.06 36.57 -28.59
CA GLU B 128 -8.81 37.22 -28.23
C GLU B 128 -8.85 38.74 -28.45
N LYS B 129 -9.52 39.17 -29.51
CA LYS B 129 -9.59 40.61 -29.81
C LYS B 129 -10.46 41.37 -28.82
N GLU B 130 -10.97 40.65 -27.82
CA GLU B 130 -11.73 41.25 -26.74
C GLU B 130 -10.85 41.45 -25.51
N LEU B 131 -9.70 40.78 -25.50
CA LEU B 131 -8.75 40.87 -24.39
C LEU B 131 -8.32 42.31 -24.06
N PRO B 132 -8.13 43.16 -25.08
CA PRO B 132 -7.78 44.55 -24.80
C PRO B 132 -8.83 45.23 -23.92
N PHE B 133 -10.06 44.76 -24.00
CA PHE B 133 -11.15 45.36 -23.23
C PHE B 133 -11.52 44.50 -22.02
N VAL B 134 -10.53 43.81 -21.46
CA VAL B 134 -10.71 43.01 -20.26
C VAL B 134 -9.57 43.30 -19.28
N SER B 135 -9.73 44.34 -18.47
CA SER B 135 -8.67 44.80 -17.59
C SER B 135 -8.38 43.83 -16.43
N ASP B 136 -7.80 42.69 -16.78
CA ASP B 136 -7.38 41.71 -15.77
C ASP B 136 -6.42 40.72 -16.42
N ASP B 137 -5.13 40.88 -16.12
CA ASP B 137 -4.10 40.07 -16.77
C ASP B 137 -4.26 38.58 -16.50
N ILE B 138 -4.66 38.20 -15.29
CA ILE B 138 -4.86 36.80 -14.98
C ILE B 138 -5.91 36.19 -15.92
N GLU B 139 -6.97 36.96 -16.17
CA GLU B 139 -8.01 36.51 -17.09
C GLU B 139 -7.40 36.27 -18.48
N LYS B 140 -6.57 37.20 -18.93
CA LYS B 140 -5.85 37.04 -20.18
C LYS B 140 -5.02 35.75 -20.19
N ALA B 141 -4.27 35.53 -19.11
CA ALA B 141 -3.40 34.36 -19.00
C ALA B 141 -4.20 33.08 -19.12
N GLU B 142 -5.37 33.06 -18.49
CA GLU B 142 -6.28 31.93 -18.53
C GLU B 142 -6.69 31.60 -19.97
N PHE B 143 -6.86 32.64 -20.79
CA PHE B 143 -7.22 32.45 -22.17
C PHE B 143 -6.09 31.79 -22.95
N HIS B 144 -4.92 32.41 -22.88
CA HIS B 144 -3.75 31.91 -23.59
C HIS B 144 -3.39 30.50 -23.15
N PHE B 145 -3.56 30.22 -21.85
CA PHE B 145 -3.27 28.90 -21.33
C PHE B 145 -4.18 27.83 -21.93
N LYS B 146 -5.49 28.07 -21.89
CA LYS B 146 -6.45 27.09 -22.39
C LYS B 146 -6.39 26.94 -23.89
N VAL B 147 -6.17 28.06 -24.59
CA VAL B 147 -6.06 28.03 -26.04
C VAL B 147 -4.74 27.36 -26.44
N ALA B 148 -3.70 27.56 -25.63
CA ALA B 148 -2.42 26.88 -25.84
C ALA B 148 -2.58 25.37 -25.76
N GLU B 149 -3.36 24.90 -24.79
CA GLU B 149 -3.66 23.48 -24.65
C GLU B 149 -4.39 22.98 -25.89
N ALA B 150 -5.38 23.74 -26.31
CA ALA B 150 -6.18 23.41 -27.49
C ALA B 150 -5.31 23.25 -28.73
N TYR B 151 -4.44 24.23 -28.98
CA TYR B 151 -3.55 24.19 -30.12
C TYR B 151 -2.57 23.02 -30.02
N TYR B 152 -2.13 22.71 -28.81
CA TYR B 152 -1.28 21.55 -28.59
C TYR B 152 -1.99 20.27 -29.03
N HIS B 153 -3.25 20.12 -28.63
CA HIS B 153 -4.05 18.96 -29.02
C HIS B 153 -4.29 18.93 -30.53
N MET B 154 -4.32 20.11 -31.14
CA MET B 154 -4.50 20.23 -32.59
C MET B 154 -3.17 20.04 -33.31
N LYS B 155 -2.11 19.84 -32.55
CA LYS B 155 -0.77 19.70 -33.10
C LYS B 155 -0.31 20.90 -33.92
N GLN B 156 -0.87 22.07 -33.60
CA GLN B 156 -0.32 23.33 -34.11
C GLN B 156 0.64 23.87 -33.05
N THR B 157 1.80 23.22 -32.96
CA THR B 157 2.72 23.39 -31.84
C THR B 157 3.37 24.77 -31.74
N HIS B 158 3.68 25.37 -32.88
CA HIS B 158 4.25 26.72 -32.90
C HIS B 158 3.24 27.73 -32.36
N VAL B 159 2.00 27.60 -32.82
CA VAL B 159 0.94 28.48 -32.36
C VAL B 159 0.66 28.27 -30.87
N SER B 160 0.67 27.00 -30.44
CA SER B 160 0.52 26.68 -29.03
C SER B 160 1.62 27.33 -28.21
N MET B 161 2.85 27.27 -28.74
CA MET B 161 3.99 27.83 -28.04
C MET B 161 3.82 29.34 -27.93
N TYR B 162 3.35 29.96 -29.00
CA TYR B 162 3.07 31.38 -29.03
C TYR B 162 2.15 31.81 -27.89
N HIS B 163 1.10 31.03 -27.65
CA HIS B 163 0.12 31.34 -26.60
C HIS B 163 0.61 31.04 -25.19
N ILE B 164 1.25 29.87 -25.01
CA ILE B 164 1.67 29.47 -23.67
C ILE B 164 2.72 30.39 -23.08
N LEU B 165 3.59 30.94 -23.94
CA LEU B 165 4.62 31.87 -23.47
C LEU B 165 4.02 33.16 -22.92
N GLN B 166 2.84 33.53 -23.42
CA GLN B 166 2.16 34.72 -22.94
C GLN B 166 1.49 34.46 -21.59
N ALA B 167 0.93 33.27 -21.44
CA ALA B 167 0.33 32.89 -20.18
C ALA B 167 1.41 32.83 -19.08
N LEU B 168 2.53 32.19 -19.40
CA LEU B 168 3.62 32.03 -18.43
C LEU B 168 4.16 33.36 -17.94
N ASP B 169 4.35 34.32 -18.83
CA ASP B 169 4.89 35.61 -18.46
C ASP B 169 3.97 36.29 -17.44
N ILE B 170 2.66 36.13 -17.63
CA ILE B 170 1.66 36.72 -16.74
C ILE B 170 1.63 36.00 -15.39
N TYR B 171 1.58 34.68 -15.42
CA TYR B 171 1.58 33.89 -14.21
C TYR B 171 2.83 34.17 -13.39
N GLN B 172 3.94 34.40 -14.08
CA GLN B 172 5.20 34.70 -13.40
C GLN B 172 5.14 36.01 -12.62
N ASN B 173 4.21 36.89 -12.99
CA ASN B 173 4.05 38.18 -12.32
C ASN B 173 3.21 38.09 -11.05
N HIS B 174 2.69 36.90 -10.78
CA HIS B 174 1.83 36.67 -9.63
C HIS B 174 2.26 35.40 -8.92
N PRO B 175 3.21 35.52 -7.98
CA PRO B 175 3.85 34.42 -7.26
C PRO B 175 2.87 33.40 -6.65
N LEU B 176 1.64 33.84 -6.39
CA LEU B 176 0.63 32.93 -5.83
C LEU B 176 0.16 31.88 -6.83
N TYR B 177 0.32 32.17 -8.13
CA TYR B 177 -0.12 31.25 -9.18
C TYR B 177 0.94 30.22 -9.56
N SER B 178 1.54 29.59 -8.54
CA SER B 178 2.62 28.64 -8.77
C SER B 178 2.13 27.39 -9.53
N ILE B 179 0.92 26.96 -9.25
CA ILE B 179 0.36 25.78 -9.90
C ILE B 179 0.18 26.02 -11.39
N ARG B 180 -0.47 27.13 -11.75
CA ARG B 180 -0.63 27.47 -13.16
C ARG B 180 0.73 27.64 -13.85
N THR B 181 1.73 28.11 -13.10
CA THR B 181 3.08 28.27 -13.62
C THR B 181 3.67 26.91 -13.98
N ILE B 182 3.55 25.96 -13.05
CA ILE B 182 4.01 24.60 -13.27
C ILE B 182 3.34 24.00 -14.50
N GLN B 183 2.03 24.14 -14.59
CA GLN B 183 1.27 23.59 -15.70
C GLN B 183 1.69 24.21 -17.03
N SER B 184 2.02 25.50 -16.99
CA SER B 184 2.47 26.19 -18.18
C SER B 184 3.82 25.67 -18.62
N LEU B 185 4.67 25.38 -17.64
CA LEU B 185 6.01 24.85 -17.93
C LEU B 185 5.89 23.45 -18.53
N PHE B 186 4.97 22.65 -18.01
CA PHE B 186 4.67 21.35 -18.60
C PHE B 186 4.27 21.50 -20.08
N VAL B 187 3.41 22.46 -20.37
CA VAL B 187 2.95 22.69 -21.75
C VAL B 187 4.10 23.08 -22.67
N ILE B 188 4.92 24.03 -22.22
CA ILE B 188 6.09 24.45 -22.98
C ILE B 188 6.99 23.26 -23.32
N ALA B 189 7.23 22.41 -22.33
CA ALA B 189 8.06 21.22 -22.52
C ALA B 189 7.42 20.25 -23.52
N GLY B 190 6.11 20.06 -23.39
CA GLY B 190 5.38 19.20 -24.31
C GLY B 190 5.49 19.68 -25.74
N ASN B 191 5.45 20.99 -25.93
CA ASN B 191 5.59 21.56 -27.26
C ASN B 191 6.97 21.28 -27.83
N TYR B 192 8.01 21.49 -27.03
CA TYR B 192 9.36 21.14 -27.45
C TYR B 192 9.47 19.65 -27.80
N ASP B 193 8.74 18.82 -27.05
CA ASP B 193 8.75 17.39 -27.30
C ASP B 193 8.25 17.02 -28.70
N ASP B 194 7.24 17.75 -29.19
CA ASP B 194 6.70 17.53 -30.54
C ASP B 194 7.76 17.67 -31.63
N PHE B 195 8.82 18.42 -31.34
CA PHE B 195 9.87 18.64 -32.32
C PHE B 195 11.11 17.80 -31.99
N LYS B 196 10.95 16.88 -31.05
CA LYS B 196 12.04 16.02 -30.60
C LYS B 196 13.17 16.81 -29.94
N HIS B 197 12.85 17.96 -29.38
CA HIS B 197 13.85 18.77 -28.70
C HIS B 197 13.76 18.66 -27.18
N TYR B 198 13.99 17.46 -26.68
CA TYR B 198 13.93 17.18 -25.25
C TYR B 198 14.94 18.01 -24.45
N ASP B 199 16.01 18.44 -25.10
CA ASP B 199 17.02 19.26 -24.45
C ASP B 199 16.49 20.65 -24.12
N LYS B 200 15.53 21.12 -24.92
CA LYS B 200 14.95 22.44 -24.71
C LYS B 200 13.79 22.36 -23.72
N ALA B 201 13.19 21.18 -23.62
CA ALA B 201 12.12 20.94 -22.66
C ALA B 201 12.65 20.83 -21.23
N LEU B 202 13.80 20.17 -21.07
CA LEU B 202 14.32 19.83 -19.75
C LEU B 202 14.39 21.01 -18.76
N PRO B 203 15.01 22.13 -19.19
CA PRO B 203 15.12 23.30 -18.31
C PRO B 203 13.78 23.70 -17.71
N HIS B 204 12.73 23.69 -18.53
CA HIS B 204 11.41 24.06 -18.05
C HIS B 204 10.84 23.00 -17.10
N LEU B 205 11.19 21.74 -17.33
CA LEU B 205 10.75 20.66 -16.44
C LEU B 205 11.45 20.76 -15.08
N GLU B 206 12.74 21.04 -15.10
CA GLU B 206 13.50 21.21 -13.87
C GLU B 206 12.95 22.40 -13.09
N ALA B 207 12.71 23.50 -13.80
CA ALA B 207 12.13 24.68 -13.18
C ALA B 207 10.78 24.33 -12.56
N ALA B 208 10.02 23.47 -13.23
CA ALA B 208 8.73 23.05 -12.73
C ALA B 208 8.88 22.27 -11.42
N LEU B 209 9.89 21.40 -11.37
CA LEU B 209 10.14 20.59 -10.18
C LEU B 209 10.46 21.46 -8.98
N GLU B 210 11.41 22.37 -9.16
CA GLU B 210 11.80 23.27 -8.08
C GLU B 210 10.59 23.99 -7.49
N LEU B 211 9.72 24.50 -8.37
CA LEU B 211 8.55 25.23 -7.92
C LEU B 211 7.57 24.33 -7.16
N ALA B 212 7.47 23.07 -7.61
CA ALA B 212 6.62 22.09 -6.94
C ALA B 212 7.17 21.72 -5.57
N MET B 213 8.49 21.81 -5.42
CA MET B 213 9.14 21.56 -4.14
C MET B 213 8.85 22.68 -3.16
N ASP B 214 8.94 23.92 -3.64
CA ASP B 214 8.79 25.10 -2.79
C ASP B 214 7.37 25.22 -2.23
N ILE B 215 6.41 24.64 -2.94
CA ILE B 215 5.02 24.68 -2.51
C ILE B 215 4.62 23.34 -1.89
N GLN B 216 5.57 22.41 -1.86
CA GLN B 216 5.34 21.10 -1.25
C GLN B 216 4.03 20.49 -1.72
N ASN B 217 3.85 20.43 -3.03
CA ASN B 217 2.67 19.81 -3.62
C ASN B 217 3.03 18.42 -4.13
N ASP B 218 2.80 17.41 -3.28
CA ASP B 218 3.24 16.06 -3.56
C ASP B 218 2.89 15.61 -4.97
N ARG B 219 1.63 15.76 -5.35
CA ARG B 219 1.18 15.32 -6.67
C ARG B 219 1.97 15.96 -7.80
N PHE B 220 2.22 17.26 -7.72
CA PHE B 220 2.97 17.95 -8.77
C PHE B 220 4.46 17.66 -8.71
N ILE B 221 4.93 17.26 -7.54
CA ILE B 221 6.32 16.83 -7.39
C ILE B 221 6.55 15.53 -8.14
N ALA B 222 5.63 14.59 -7.98
CA ALA B 222 5.72 13.29 -8.61
C ALA B 222 5.59 13.42 -10.13
N ILE B 223 4.60 14.19 -10.58
CA ILE B 223 4.41 14.43 -12.01
C ILE B 223 5.63 15.10 -12.60
N SER B 224 6.16 16.09 -11.89
CA SER B 224 7.40 16.76 -12.32
C SER B 224 8.52 15.76 -12.50
N LEU B 225 8.71 14.92 -11.49
CA LEU B 225 9.76 13.91 -11.54
C LEU B 225 9.53 12.99 -12.74
N LEU B 226 8.29 12.56 -12.91
CA LEU B 226 7.90 11.71 -14.02
C LEU B 226 8.20 12.35 -15.37
N ASN B 227 7.86 13.63 -15.50
CA ASN B 227 8.12 14.35 -16.74
C ASN B 227 9.62 14.45 -17.03
N ILE B 228 10.42 14.69 -15.99
CA ILE B 228 11.87 14.74 -16.14
C ILE B 228 12.43 13.39 -16.58
N ALA B 229 11.96 12.31 -15.96
CA ALA B 229 12.40 10.97 -16.32
C ALA B 229 12.09 10.65 -17.77
N ASN B 230 10.90 11.04 -18.24
CA ASN B 230 10.50 10.83 -19.62
C ASN B 230 11.38 11.62 -20.58
N SER B 231 11.78 12.82 -20.16
CA SER B 231 12.67 13.64 -20.97
C SER B 231 14.02 12.94 -21.17
N TYR B 232 14.61 12.46 -20.09
CA TYR B 232 15.88 11.75 -20.18
C TYR B 232 15.77 10.46 -21.00
N ASP B 233 14.65 9.75 -20.83
CA ASP B 233 14.46 8.49 -21.53
C ASP B 233 14.51 8.70 -23.04
N ARG B 234 13.92 9.79 -23.50
CA ARG B 234 13.81 10.07 -24.92
C ARG B 234 15.07 10.74 -25.48
N SER B 235 15.81 11.43 -24.63
CA SER B 235 17.04 12.11 -25.07
C SER B 235 18.22 11.14 -25.03
N GLY B 236 17.96 9.89 -24.68
CA GLY B 236 18.98 8.86 -24.69
C GLY B 236 19.82 8.76 -23.43
N ASP B 237 19.36 9.37 -22.34
CA ASP B 237 20.08 9.29 -21.07
C ASP B 237 19.36 8.33 -20.13
N ASP B 238 19.48 7.03 -20.42
CA ASP B 238 18.72 6.02 -19.70
C ASP B 238 19.10 5.90 -18.23
N GLN B 239 20.23 6.47 -17.87
CA GLN B 239 20.68 6.47 -16.49
C GLN B 239 19.88 7.49 -15.68
N MET B 240 19.96 8.75 -16.09
CA MET B 240 19.21 9.82 -15.43
C MET B 240 17.72 9.52 -15.43
N ALA B 241 17.27 8.74 -16.43
CA ALA B 241 15.86 8.41 -16.57
C ALA B 241 15.38 7.49 -15.46
N VAL B 242 15.98 6.31 -15.38
CA VAL B 242 15.60 5.34 -14.35
C VAL B 242 15.71 5.96 -12.96
N GLU B 243 16.75 6.78 -12.77
CA GLU B 243 16.95 7.50 -11.53
C GLU B 243 15.72 8.34 -11.16
N HIS B 244 15.21 9.09 -12.14
CA HIS B 244 14.06 9.97 -11.87
C HIS B 244 12.74 9.21 -11.78
N PHE B 245 12.64 8.08 -12.49
CA PHE B 245 11.48 7.22 -12.34
C PHE B 245 11.40 6.70 -10.91
N GLN B 246 12.55 6.38 -10.33
CA GLN B 246 12.61 5.88 -8.95
C GLN B 246 12.16 6.93 -7.94
N LYS B 247 12.63 8.16 -8.12
CA LYS B 247 12.22 9.24 -7.24
C LYS B 247 10.71 9.45 -7.36
N ALA B 248 10.21 9.46 -8.59
CA ALA B 248 8.78 9.62 -8.80
C ALA B 248 8.01 8.45 -8.17
N ALA B 249 8.53 7.24 -8.37
CA ALA B 249 7.94 6.06 -7.75
C ALA B 249 7.83 6.21 -6.23
N LYS B 250 8.92 6.64 -5.60
CA LYS B 250 9.00 6.73 -4.14
C LYS B 250 7.97 7.72 -3.58
N VAL B 251 7.85 8.87 -4.22
CA VAL B 251 6.86 9.85 -3.85
C VAL B 251 5.44 9.34 -4.12
N SER B 252 5.30 8.55 -5.19
CA SER B 252 3.98 8.07 -5.60
C SER B 252 3.43 7.00 -4.66
N ARG B 253 4.27 6.05 -4.28
CA ARG B 253 3.86 4.95 -3.41
C ARG B 253 3.26 5.46 -2.10
N GLU B 254 3.75 6.61 -1.66
CA GLU B 254 3.39 7.12 -0.35
C GLU B 254 2.24 8.12 -0.41
N LYS B 255 2.23 8.94 -1.47
CA LYS B 255 1.32 10.08 -1.52
C LYS B 255 0.47 10.18 -2.79
N VAL B 256 0.93 9.56 -3.87
CA VAL B 256 0.24 9.66 -5.15
C VAL B 256 0.17 8.32 -5.88
N PRO B 257 -0.54 7.33 -5.29
CA PRO B 257 -0.53 5.96 -5.79
C PRO B 257 -1.16 5.81 -7.17
N ASP B 258 -2.14 6.65 -7.50
CA ASP B 258 -2.81 6.57 -8.78
C ASP B 258 -1.90 6.92 -9.96
N LEU B 259 -0.67 7.33 -9.67
CA LEU B 259 0.29 7.67 -10.72
C LEU B 259 1.23 6.51 -11.00
N LEU B 260 1.24 5.52 -10.11
CA LEU B 260 2.15 4.38 -10.21
C LEU B 260 2.09 3.61 -11.54
N PRO B 261 0.87 3.34 -12.04
CA PRO B 261 0.79 2.64 -13.33
C PRO B 261 1.66 3.30 -14.40
N LYS B 262 1.54 4.61 -14.57
CA LYS B 262 2.32 5.33 -15.57
C LYS B 262 3.80 5.44 -15.20
N VAL B 263 4.08 5.69 -13.93
CA VAL B 263 5.45 5.83 -13.46
C VAL B 263 6.22 4.51 -13.63
N LEU B 264 5.62 3.42 -13.18
CA LEU B 264 6.26 2.12 -13.25
C LEU B 264 6.37 1.62 -14.68
N PHE B 265 5.44 2.03 -15.55
CA PHE B 265 5.55 1.65 -16.96
C PHE B 265 6.79 2.26 -17.58
N GLY B 266 6.95 3.57 -17.43
CA GLY B 266 8.13 4.27 -17.91
C GLY B 266 9.40 3.66 -17.35
N LEU B 267 9.40 3.43 -16.04
CA LEU B 267 10.54 2.79 -15.39
C LEU B 267 10.83 1.47 -16.07
N SER B 268 9.80 0.63 -16.18
CA SER B 268 9.93 -0.68 -16.83
C SER B 268 10.45 -0.56 -18.26
N TRP B 269 9.81 0.29 -19.06
CA TRP B 269 10.19 0.45 -20.46
C TRP B 269 11.67 0.79 -20.58
N THR B 270 12.09 1.86 -19.91
CA THR B 270 13.49 2.27 -19.92
C THR B 270 14.42 1.12 -19.56
N LEU B 271 14.09 0.39 -18.51
CA LEU B 271 14.92 -0.73 -18.07
C LEU B 271 15.04 -1.77 -19.18
N CYS B 272 13.92 -2.08 -19.82
CA CYS B 272 13.92 -3.00 -20.95
C CYS B 272 14.80 -2.47 -22.09
N LYS B 273 14.64 -1.20 -22.43
CA LYS B 273 15.43 -0.60 -23.50
C LYS B 273 16.90 -0.51 -23.13
N ALA B 274 17.20 -0.69 -21.84
CA ALA B 274 18.56 -0.57 -21.36
C ALA B 274 19.28 -1.92 -21.34
N GLY B 275 18.49 -2.99 -21.45
CA GLY B 275 19.03 -4.34 -21.38
C GLY B 275 18.98 -4.89 -19.97
N GLN B 276 18.09 -4.32 -19.15
CA GLN B 276 17.97 -4.74 -17.76
C GLN B 276 16.56 -5.26 -17.49
N THR B 277 16.14 -6.25 -18.26
CA THR B 277 14.78 -6.75 -18.19
C THR B 277 14.51 -7.48 -16.86
N GLN B 278 15.53 -8.09 -16.29
CA GLN B 278 15.38 -8.75 -15.00
C GLN B 278 14.81 -7.78 -13.98
N LYS B 279 15.42 -6.60 -13.90
CA LYS B 279 15.00 -5.57 -12.97
C LYS B 279 13.66 -4.98 -13.36
N ALA B 280 13.41 -4.90 -14.67
CA ALA B 280 12.18 -4.29 -15.18
C ALA B 280 10.94 -5.11 -14.82
N PHE B 281 11.06 -6.42 -14.88
CA PHE B 281 9.91 -7.30 -14.66
C PHE B 281 9.33 -7.23 -13.26
N GLN B 282 10.13 -6.77 -12.29
CA GLN B 282 9.63 -6.60 -10.94
C GLN B 282 8.79 -5.34 -10.83
N PHE B 283 9.13 -4.33 -11.62
CA PHE B 283 8.36 -3.09 -11.64
C PHE B 283 7.08 -3.24 -12.45
N ILE B 284 7.15 -4.06 -13.50
CA ILE B 284 5.98 -4.40 -14.30
C ILE B 284 4.92 -5.04 -13.41
N GLU B 285 5.35 -6.00 -12.60
CA GLU B 285 4.44 -6.71 -11.69
C GLU B 285 3.84 -5.75 -10.67
N GLU B 286 4.67 -4.87 -10.13
CA GLU B 286 4.18 -3.87 -9.18
C GLU B 286 3.23 -2.90 -9.87
N GLY B 287 3.57 -2.50 -11.09
CA GLY B 287 2.72 -1.64 -11.88
C GLY B 287 1.34 -2.23 -12.10
N LEU B 288 1.31 -3.53 -12.41
CA LEU B 288 0.06 -4.24 -12.63
C LEU B 288 -0.81 -4.28 -11.37
N ASP B 289 -0.17 -4.27 -10.21
CA ASP B 289 -0.91 -4.30 -8.94
C ASP B 289 -1.61 -2.99 -8.63
N HIS B 290 -1.31 -1.94 -9.40
CA HIS B 290 -1.89 -0.63 -9.12
C HIS B 290 -2.95 -0.20 -10.13
N ILE B 291 -3.24 -1.07 -11.09
CA ILE B 291 -4.27 -0.78 -12.08
C ILE B 291 -5.65 -1.05 -11.50
N THR B 292 -6.55 -0.09 -11.67
CA THR B 292 -7.91 -0.19 -11.13
C THR B 292 -8.95 -0.16 -12.24
N ALA B 293 -10.10 -0.77 -11.97
CA ALA B 293 -11.20 -0.80 -12.93
C ALA B 293 -11.88 0.56 -13.02
N LYS B 297 -7.07 4.29 -19.61
CA LYS B 297 -5.68 4.54 -19.99
C LYS B 297 -4.96 3.32 -20.59
N PHE B 298 -5.56 2.14 -20.41
CA PHE B 298 -5.04 0.92 -21.05
C PHE B 298 -3.62 0.55 -20.62
N TYR B 299 -3.19 0.99 -19.44
CA TYR B 299 -1.85 0.65 -18.96
C TYR B 299 -1.69 -0.85 -18.70
N LYS B 300 -2.80 -1.54 -18.50
CA LYS B 300 -2.77 -2.99 -18.36
C LYS B 300 -2.19 -3.63 -19.62
N GLU B 301 -2.68 -3.20 -20.77
CA GLU B 301 -2.24 -3.74 -22.05
C GLU B 301 -0.78 -3.39 -22.34
N LEU B 302 -0.40 -2.15 -22.03
CA LEU B 302 0.98 -1.71 -22.22
C LEU B 302 1.96 -2.59 -21.45
N PHE B 303 1.67 -2.83 -20.18
CA PHE B 303 2.49 -3.72 -19.36
C PHE B 303 2.60 -5.09 -20.00
N LEU B 304 1.47 -5.61 -20.46
CA LEU B 304 1.43 -6.90 -21.11
C LEU B 304 2.32 -6.92 -22.35
N PHE B 305 2.33 -5.82 -23.09
CA PHE B 305 3.15 -5.73 -24.29
C PHE B 305 4.63 -5.83 -23.94
N LEU B 306 5.06 -5.12 -22.91
CA LEU B 306 6.43 -5.19 -22.43
C LEU B 306 6.83 -6.63 -22.15
N GLN B 307 6.04 -7.30 -21.32
CA GLN B 307 6.30 -8.69 -20.97
C GLN B 307 6.48 -9.54 -22.21
N ALA B 308 5.50 -9.49 -23.11
CA ALA B 308 5.49 -10.35 -24.29
C ALA B 308 6.67 -10.07 -25.22
N VAL B 309 6.98 -8.80 -25.42
CA VAL B 309 7.99 -8.41 -26.40
C VAL B 309 9.42 -8.48 -25.85
N TYR B 310 9.58 -8.28 -24.54
CA TYR B 310 10.91 -8.35 -23.95
C TYR B 310 11.22 -9.67 -23.23
N LYS B 311 10.40 -10.68 -23.48
CA LYS B 311 10.69 -12.03 -23.00
C LYS B 311 11.90 -12.58 -23.75
N GLU B 312 12.52 -13.61 -23.19
CA GLU B 312 13.64 -14.25 -23.87
C GLU B 312 13.24 -14.64 -25.28
N THR B 313 12.16 -15.40 -25.39
CA THR B 313 11.56 -15.72 -26.69
C THR B 313 10.22 -15.01 -26.84
N VAL B 314 10.16 -14.09 -27.79
CA VAL B 314 8.99 -13.26 -28.01
C VAL B 314 7.81 -14.06 -28.55
N ASP B 315 6.65 -13.92 -27.92
CA ASP B 315 5.45 -14.57 -28.38
C ASP B 315 4.71 -13.68 -29.37
N GLU B 316 4.89 -13.97 -30.66
CA GLU B 316 4.35 -13.12 -31.72
C GLU B 316 2.83 -13.17 -31.81
N ARG B 317 2.22 -13.93 -30.90
CA ARG B 317 0.76 -14.06 -30.89
C ARG B 317 0.12 -13.13 -29.87
N LYS B 318 0.73 -13.01 -28.69
CA LYS B 318 0.25 -12.08 -27.68
C LYS B 318 0.40 -10.65 -28.18
N ILE B 319 1.50 -10.38 -28.89
CA ILE B 319 1.75 -9.07 -29.46
C ILE B 319 0.70 -8.74 -30.53
N HIS B 320 0.52 -9.65 -31.47
CA HIS B 320 -0.44 -9.48 -32.54
C HIS B 320 -1.86 -9.35 -32.00
N ASP B 321 -2.09 -9.90 -30.81
CA ASP B 321 -3.40 -9.82 -30.17
C ASP B 321 -3.63 -8.47 -29.51
N LEU B 322 -2.58 -7.91 -28.92
CA LEU B 322 -2.68 -6.61 -28.27
C LEU B 322 -2.86 -5.50 -29.31
N LEU B 323 -2.11 -5.59 -30.39
CA LEU B 323 -2.20 -4.60 -31.46
C LEU B 323 -3.60 -4.60 -32.06
N SER B 324 -4.15 -5.79 -32.25
CA SER B 324 -5.50 -5.93 -32.77
C SER B 324 -6.50 -5.27 -31.82
N TYR B 325 -6.22 -5.39 -30.52
CA TYR B 325 -7.06 -4.78 -29.50
C TYR B 325 -7.03 -3.27 -29.62
N PHE B 326 -5.83 -2.72 -29.85
CA PHE B 326 -5.66 -1.28 -30.00
C PHE B 326 -6.34 -0.74 -31.25
N GLU B 327 -6.21 -1.48 -32.35
CA GLU B 327 -6.80 -1.07 -33.62
C GLU B 327 -8.31 -0.89 -33.49
N LYS B 328 -8.97 -1.92 -32.97
CA LYS B 328 -10.42 -1.89 -32.78
C LYS B 328 -10.86 -0.63 -32.02
N LYS B 329 -9.99 -0.12 -31.17
CA LYS B 329 -10.32 1.03 -30.34
C LYS B 329 -9.67 2.30 -30.87
N ASN B 330 -9.12 2.23 -32.08
CA ASN B 330 -8.50 3.37 -32.73
C ASN B 330 -7.42 4.03 -31.88
N LEU B 331 -6.67 3.22 -31.15
CA LEU B 331 -5.56 3.73 -30.35
C LEU B 331 -4.29 3.71 -31.19
N HIS B 332 -4.28 4.51 -32.25
CA HIS B 332 -3.20 4.49 -33.22
C HIS B 332 -1.86 4.93 -32.63
N ALA B 333 -1.90 5.81 -31.63
CA ALA B 333 -0.67 6.21 -30.96
C ALA B 333 -0.07 5.02 -30.19
N TYR B 334 -0.93 4.23 -29.58
CA TYR B 334 -0.48 3.05 -28.83
C TYR B 334 0.13 2.02 -29.76
N ILE B 335 -0.43 1.90 -30.96
CA ILE B 335 0.06 0.96 -31.95
C ILE B 335 1.44 1.39 -32.45
N GLU B 336 1.60 2.68 -32.68
CA GLU B 336 2.87 3.20 -33.16
C GLU B 336 4.00 2.97 -32.17
N ALA B 337 3.73 3.25 -30.90
CA ALA B 337 4.73 3.10 -29.85
C ALA B 337 5.16 1.66 -29.66
N CYS B 338 4.18 0.75 -29.71
CA CYS B 338 4.44 -0.67 -29.49
C CYS B 338 5.11 -1.31 -30.69
N ALA B 339 4.61 -1.01 -31.88
CA ALA B 339 5.19 -1.52 -33.12
C ALA B 339 6.63 -1.05 -33.28
N ARG B 340 6.92 0.16 -32.84
CA ARG B 340 8.28 0.69 -32.91
C ARG B 340 9.22 -0.16 -32.05
N SER B 341 8.84 -0.37 -30.79
CA SER B 341 9.69 -1.15 -29.89
C SER B 341 9.83 -2.59 -30.36
N ALA B 342 8.75 -3.16 -30.87
CA ALA B 342 8.78 -4.52 -31.41
C ALA B 342 9.72 -4.63 -32.61
N ALA B 343 9.77 -3.58 -33.41
CA ALA B 343 10.67 -3.55 -34.55
C ALA B 343 12.12 -3.57 -34.10
N ALA B 344 12.42 -2.81 -33.06
CA ALA B 344 13.78 -2.73 -32.53
C ALA B 344 14.19 -4.05 -31.87
N VAL B 345 13.22 -4.73 -31.27
CA VAL B 345 13.48 -6.02 -30.62
C VAL B 345 13.83 -7.09 -31.65
N PHE B 346 12.97 -7.26 -32.65
CA PHE B 346 13.17 -8.28 -33.67
C PHE B 346 14.47 -8.07 -34.46
N GLU B 347 14.87 -6.82 -34.63
CA GLU B 347 16.12 -6.50 -35.29
C GLU B 347 17.32 -7.04 -34.50
N SER B 348 17.31 -6.80 -33.19
CA SER B 348 18.39 -7.27 -32.33
C SER B 348 18.55 -8.78 -32.44
N SER B 349 17.44 -9.47 -32.64
CA SER B 349 17.44 -10.92 -32.75
C SER B 349 17.55 -11.37 -34.21
N CYS B 350 17.85 -10.42 -35.08
CA CYS B 350 18.04 -10.70 -36.50
C CYS B 350 16.81 -11.32 -37.16
N HIS B 351 15.64 -10.90 -36.71
CA HIS B 351 14.39 -11.31 -37.33
C HIS B 351 13.82 -10.14 -38.13
N PHE B 352 14.46 -9.82 -39.24
CA PHE B 352 14.14 -8.64 -40.02
C PHE B 352 12.82 -8.77 -40.76
N GLU B 353 12.41 -10.00 -41.02
CA GLU B 353 11.13 -10.25 -41.67
C GLU B 353 9.98 -9.78 -40.78
N GLN B 354 10.08 -10.06 -39.48
CA GLN B 354 9.09 -9.60 -38.52
C GLN B 354 9.25 -8.09 -38.31
N ALA B 355 10.49 -7.64 -38.22
CA ALA B 355 10.78 -6.23 -38.02
C ALA B 355 10.12 -5.37 -39.08
N ALA B 356 10.30 -5.76 -40.34
CA ALA B 356 9.72 -5.03 -41.45
C ALA B 356 8.21 -4.95 -41.33
N ALA B 357 7.60 -6.05 -40.87
CA ALA B 357 6.15 -6.11 -40.72
C ALA B 357 5.66 -5.11 -39.67
N PHE B 358 6.46 -4.90 -38.64
CA PHE B 358 6.10 -3.95 -37.58
C PHE B 358 6.44 -2.51 -37.98
N TYR B 359 7.39 -2.35 -38.90
CA TYR B 359 7.71 -1.02 -39.40
C TYR B 359 6.56 -0.49 -40.25
N ARG B 360 5.93 -1.38 -41.02
CA ARG B 360 4.75 -0.98 -41.81
C ARG B 360 3.59 -0.59 -40.91
N LYS B 361 3.46 -1.27 -39.77
CA LYS B 361 2.40 -0.96 -38.82
C LYS B 361 2.62 0.42 -38.23
N VAL B 362 3.89 0.76 -38.05
CA VAL B 362 4.27 2.08 -37.58
C VAL B 362 3.88 3.13 -38.60
N LEU B 363 4.31 2.94 -39.85
CA LEU B 363 4.02 3.92 -40.90
C LEU B 363 2.52 4.10 -41.09
N LYS B 364 1.78 3.00 -41.14
CA LYS B 364 0.34 3.07 -41.29
C LYS B 364 -0.31 3.81 -40.12
N ALA B 365 0.12 3.47 -38.91
CA ALA B 365 -0.40 4.11 -37.71
C ALA B 365 -0.21 5.63 -37.77
N GLN B 366 0.94 6.08 -38.27
CA GLN B 366 1.20 7.51 -38.42
C GLN B 366 0.16 8.17 -39.33
N GLU B 367 -0.22 7.47 -40.40
CA GLU B 367 -1.17 8.03 -41.36
C GLU B 367 -2.60 7.99 -40.82
N ASP B 368 -2.95 6.94 -40.10
CA ASP B 368 -4.26 6.87 -39.47
C ASP B 368 -4.43 8.03 -38.49
N ILE B 369 -3.35 8.39 -37.81
CA ILE B 369 -3.39 9.49 -36.86
C ILE B 369 -3.68 10.80 -37.59
N LEU B 370 -2.88 11.08 -38.61
CA LEU B 370 -3.07 12.27 -39.42
C LEU B 370 -4.49 12.32 -39.97
N LYS B 371 -4.95 11.22 -40.54
CA LYS B 371 -6.29 11.16 -41.12
C LYS B 371 -7.36 11.55 -40.09
N GLY B 372 -7.19 11.09 -38.86
CA GLY B 372 -8.13 11.41 -37.80
C GLY B 372 -8.12 12.86 -37.34
N GLU B 373 -7.10 13.62 -37.72
CA GLU B 373 -6.98 15.02 -37.30
C GLU B 373 -7.77 15.99 -38.19
N CYS B 374 -8.20 15.49 -39.35
CA CYS B 374 -8.91 16.33 -40.32
C CYS B 374 -10.27 15.73 -40.64
N LEU B 375 -11.32 16.29 -40.05
CA LEU B 375 -12.66 15.75 -40.22
C LEU B 375 -13.56 16.67 -41.05
N TYR B 376 -13.11 17.91 -41.25
CA TYR B 376 -13.90 18.88 -41.99
C TYR B 376 -13.73 18.69 -43.49
N ALA B 377 -14.71 19.14 -44.26
CA ALA B 377 -14.71 18.95 -45.70
C ALA B 377 -15.08 20.20 -46.47
N TYR B 378 -14.32 21.28 -46.26
CA TYR B 378 -14.50 22.50 -47.02
C TYR B 378 -14.19 22.25 -48.49
N GLU C 6 -20.00 6.01 28.35
CA GLU C 6 -19.51 5.41 29.58
C GLU C 6 -18.10 4.85 29.42
N LYS C 7 -17.65 4.09 30.41
CA LYS C 7 -16.30 3.54 30.44
C LYS C 7 -16.22 2.15 29.78
N ILE C 8 -15.27 1.99 28.87
CA ILE C 8 -15.07 0.72 28.20
C ILE C 8 -13.62 0.25 28.35
N LEU C 9 -13.44 -0.91 28.99
CA LEU C 9 -12.11 -1.48 29.17
C LEU C 9 -11.77 -2.49 28.08
N ILE C 10 -10.73 -2.19 27.30
CA ILE C 10 -10.26 -3.10 26.25
C ILE C 10 -9.08 -3.91 26.76
N VAL C 11 -9.26 -5.23 26.88
CA VAL C 11 -8.19 -6.11 27.34
C VAL C 11 -7.73 -7.06 26.24
N ASP C 12 -6.50 -6.88 25.78
CA ASP C 12 -5.92 -7.73 24.75
C ASP C 12 -4.40 -7.56 24.70
N ASP C 13 -3.69 -8.67 24.52
CA ASP C 13 -2.24 -8.67 24.55
C ASP C 13 -1.62 -8.19 23.24
N GLN C 14 -2.44 -8.01 22.22
CA GLN C 14 -1.93 -7.60 20.92
C GLN C 14 -2.26 -6.15 20.57
N TYR C 15 -1.20 -5.39 20.31
CA TYR C 15 -1.30 -3.96 19.99
C TYR C 15 -2.36 -3.68 18.93
N GLY C 16 -2.42 -4.52 17.90
CA GLY C 16 -3.35 -4.34 16.80
C GLY C 16 -4.81 -4.27 17.21
N ILE C 17 -5.24 -5.24 18.02
CA ILE C 17 -6.62 -5.28 18.49
C ILE C 17 -6.96 -4.06 19.33
N ARG C 18 -6.04 -3.69 20.22
CA ARG C 18 -6.25 -2.54 21.09
C ARG C 18 -6.39 -1.23 20.30
N ILE C 19 -5.53 -1.03 19.31
CA ILE C 19 -5.65 0.14 18.44
C ILE C 19 -7.02 0.16 17.76
N LEU C 20 -7.43 -1.00 17.25
CA LEU C 20 -8.69 -1.11 16.50
C LEU C 20 -9.89 -0.73 17.36
N LEU C 21 -10.13 -1.49 18.43
CA LEU C 21 -11.27 -1.26 19.30
C LEU C 21 -11.26 0.14 19.90
N ASN C 22 -10.07 0.67 20.16
CA ASN C 22 -9.95 2.03 20.68
C ASN C 22 -10.50 3.06 19.71
N GLU C 23 -10.10 2.94 18.44
CA GLU C 23 -10.59 3.84 17.40
C GLU C 23 -12.09 3.68 17.18
N VAL C 24 -12.56 2.45 17.34
CA VAL C 24 -13.98 2.14 17.15
C VAL C 24 -14.85 2.75 18.26
N PHE C 25 -14.40 2.62 19.50
CA PHE C 25 -15.20 3.07 20.64
C PHE C 25 -15.08 4.57 20.92
N ASN C 26 -13.97 5.17 20.51
CA ASN C 26 -13.85 6.63 20.60
C ASN C 26 -14.84 7.30 19.65
N LYS C 27 -15.01 6.69 18.47
CA LYS C 27 -15.94 7.21 17.47
C LYS C 27 -17.37 7.21 17.99
N GLU C 28 -17.64 6.36 18.98
CA GLU C 28 -18.97 6.25 19.55
C GLU C 28 -19.14 7.16 20.77
N GLY C 29 -18.05 7.79 21.20
CA GLY C 29 -18.10 8.75 22.29
C GLY C 29 -17.80 8.15 23.66
N TYR C 30 -17.42 6.87 23.68
CA TYR C 30 -17.11 6.20 24.93
C TYR C 30 -15.76 6.64 25.50
N GLN C 31 -15.61 6.54 26.81
CA GLN C 31 -14.33 6.75 27.47
C GLN C 31 -13.63 5.40 27.57
N THR C 32 -12.60 5.21 26.75
CA THR C 32 -11.96 3.90 26.64
C THR C 32 -10.68 3.77 27.45
N PHE C 33 -10.50 2.61 28.07
CA PHE C 33 -9.25 2.26 28.74
C PHE C 33 -8.67 1.03 28.04
N GLN C 34 -7.37 0.80 28.23
CA GLN C 34 -6.69 -0.29 27.55
C GLN C 34 -5.70 -1.01 28.47
N ALA C 35 -5.61 -2.34 28.30
CA ALA C 35 -4.66 -3.15 29.07
C ALA C 35 -4.08 -4.26 28.19
N ALA C 36 -2.80 -4.53 28.37
CA ALA C 36 -2.13 -5.58 27.58
C ALA C 36 -2.13 -6.94 28.25
N ASN C 37 -2.31 -6.95 29.58
CA ASN C 37 -2.29 -8.20 30.34
C ASN C 37 -3.27 -8.21 31.51
N GLY C 38 -3.23 -9.27 32.30
CA GLY C 38 -4.16 -9.45 33.40
C GLY C 38 -4.06 -8.40 34.50
N LEU C 39 -2.86 -8.22 35.03
CA LEU C 39 -2.66 -7.26 36.12
C LEU C 39 -3.12 -5.84 35.76
N GLN C 40 -2.66 -5.34 34.62
CA GLN C 40 -3.09 -4.01 34.16
C GLN C 40 -4.61 -3.94 34.11
N ALA C 41 -5.24 -5.00 33.61
CA ALA C 41 -6.69 -5.06 33.50
C ALA C 41 -7.36 -4.97 34.86
N LEU C 42 -6.80 -5.66 35.84
CA LEU C 42 -7.37 -5.69 37.18
C LEU C 42 -7.22 -4.35 37.90
N ASP C 43 -6.04 -3.74 37.77
CA ASP C 43 -5.79 -2.43 38.35
C ASP C 43 -6.80 -1.40 37.82
N ILE C 44 -7.09 -1.47 36.53
CA ILE C 44 -8.01 -0.53 35.91
C ILE C 44 -9.45 -0.76 36.37
N VAL C 45 -9.83 -2.03 36.49
CA VAL C 45 -11.16 -2.38 36.99
C VAL C 45 -11.34 -1.82 38.40
N THR C 46 -10.32 -2.01 39.24
CA THR C 46 -10.37 -1.51 40.61
C THR C 46 -10.44 0.00 40.68
N LYS C 47 -9.63 0.66 39.85
CA LYS C 47 -9.53 2.12 39.90
C LYS C 47 -10.65 2.83 39.14
N GLU C 48 -10.90 2.40 37.91
CA GLU C 48 -11.86 3.07 37.04
C GLU C 48 -13.26 2.48 37.13
N ARG C 49 -13.36 1.19 37.41
CA ARG C 49 -14.64 0.50 37.46
C ARG C 49 -15.44 0.66 36.17
N PRO C 50 -14.96 0.01 35.08
CA PRO C 50 -15.59 0.10 33.76
C PRO C 50 -17.00 -0.45 33.74
N ASP C 51 -17.81 0.03 32.80
CA ASP C 51 -19.19 -0.42 32.66
C ASP C 51 -19.29 -1.62 31.73
N LEU C 52 -18.24 -1.83 30.94
CA LEU C 52 -18.18 -2.95 30.02
C LEU C 52 -16.73 -3.32 29.73
N VAL C 53 -16.46 -4.62 29.67
CA VAL C 53 -15.12 -5.10 29.40
C VAL C 53 -15.09 -6.01 28.18
N LEU C 54 -14.11 -5.78 27.31
CA LEU C 54 -13.82 -6.70 26.23
C LEU C 54 -12.55 -7.46 26.60
N LEU C 55 -12.71 -8.72 26.96
CA LEU C 55 -11.61 -9.53 27.47
C LEU C 55 -11.14 -10.60 26.49
N ASP C 56 -9.86 -10.53 26.13
CA ASP C 56 -9.24 -11.56 25.30
C ASP C 56 -8.88 -12.77 26.17
N MET C 57 -9.55 -13.88 25.96
CA MET C 57 -9.31 -15.08 26.76
C MET C 57 -7.99 -15.75 26.37
N LYS C 58 -7.36 -15.24 25.31
CA LYS C 58 -6.10 -15.80 24.83
C LYS C 58 -4.93 -14.87 25.14
N ILE C 59 -4.54 -14.83 26.41
CA ILE C 59 -3.41 -14.01 26.84
C ILE C 59 -2.35 -14.89 27.50
N PRO C 60 -1.09 -14.74 27.06
CA PRO C 60 0.04 -15.54 27.54
C PRO C 60 0.31 -15.39 29.03
N GLY C 61 0.52 -16.51 29.72
CA GLY C 61 0.91 -16.48 31.11
C GLY C 61 -0.23 -16.38 32.11
N MET C 62 -1.33 -15.77 31.69
CA MET C 62 -2.48 -15.59 32.57
C MET C 62 -3.79 -15.77 31.81
N ASP C 63 -4.39 -16.95 31.91
CA ASP C 63 -5.59 -17.28 31.17
C ASP C 63 -6.77 -16.37 31.53
N GLY C 64 -7.63 -16.11 30.56
CA GLY C 64 -8.79 -15.26 30.76
C GLY C 64 -9.71 -15.74 31.86
N ILE C 65 -9.80 -17.06 32.01
CA ILE C 65 -10.63 -17.65 33.07
C ILE C 65 -10.19 -17.10 34.43
N GLU C 66 -8.88 -17.04 34.61
CA GLU C 66 -8.30 -16.51 35.84
C GLU C 66 -8.62 -15.02 35.97
N ILE C 67 -8.39 -14.27 34.90
CA ILE C 67 -8.64 -12.83 34.90
C ILE C 67 -10.11 -12.51 35.17
N LEU C 68 -11.01 -13.32 34.60
CA LEU C 68 -12.44 -13.09 34.71
C LEU C 68 -12.94 -13.14 36.16
N LYS C 69 -12.60 -14.21 36.87
CA LYS C 69 -13.00 -14.36 38.27
C LYS C 69 -12.49 -13.21 39.11
N ARG C 70 -11.22 -12.84 38.88
CA ARG C 70 -10.60 -11.74 39.61
C ARG C 70 -11.30 -10.40 39.36
N MET C 71 -11.96 -10.28 38.21
CA MET C 71 -12.75 -9.08 37.92
C MET C 71 -14.10 -9.12 38.63
N LYS C 72 -14.66 -10.33 38.75
CA LYS C 72 -15.89 -10.54 39.51
C LYS C 72 -15.69 -10.20 40.98
N VAL C 73 -14.46 -10.38 41.45
CA VAL C 73 -14.10 -10.05 42.82
C VAL C 73 -14.24 -8.55 43.06
N ILE C 74 -13.65 -7.76 42.16
CA ILE C 74 -13.71 -6.30 42.27
C ILE C 74 -15.15 -5.80 42.12
N ASP C 75 -15.88 -6.39 41.17
CA ASP C 75 -17.27 -6.01 40.93
C ASP C 75 -18.10 -7.21 40.48
N GLU C 76 -19.23 -7.42 41.14
CA GLU C 76 -20.06 -8.59 40.89
C GLU C 76 -20.95 -8.41 39.66
N ASN C 77 -21.46 -7.20 39.46
CA ASN C 77 -22.34 -6.92 38.33
C ASN C 77 -21.56 -6.50 37.09
N ILE C 78 -20.26 -6.79 37.08
CA ILE C 78 -19.39 -6.41 35.97
C ILE C 78 -19.91 -6.95 34.64
N ARG C 79 -19.85 -6.12 33.60
CA ARG C 79 -20.32 -6.51 32.28
C ARG C 79 -19.13 -6.85 31.39
N VAL C 80 -18.93 -8.14 31.13
CA VAL C 80 -17.77 -8.59 30.38
C VAL C 80 -18.12 -9.41 29.14
N ILE C 81 -17.65 -8.95 27.98
CA ILE C 81 -17.79 -9.68 26.73
C ILE C 81 -16.44 -10.27 26.33
N ILE C 82 -16.41 -11.58 26.11
CA ILE C 82 -15.16 -12.25 25.77
C ILE C 82 -14.98 -12.38 24.26
N MET C 83 -13.72 -12.37 23.82
CA MET C 83 -13.40 -12.55 22.42
C MET C 83 -12.23 -13.52 22.30
N THR C 84 -12.27 -14.37 21.29
CA THR C 84 -11.25 -15.41 21.16
C THR C 84 -10.80 -15.62 19.72
N ALA C 85 -9.58 -16.13 19.58
CA ALA C 85 -9.04 -16.50 18.29
C ALA C 85 -8.61 -17.96 18.34
N TYR C 86 -9.34 -18.82 17.64
CA TYR C 86 -9.11 -20.26 17.68
C TYR C 86 -9.28 -20.80 19.10
N GLY C 87 -10.17 -20.18 19.85
CA GLY C 87 -10.40 -20.55 21.24
C GLY C 87 -11.24 -21.81 21.40
N GLU C 88 -10.98 -22.55 22.48
CA GLU C 88 -11.73 -23.76 22.77
C GLU C 88 -13.21 -23.47 22.96
N LEU C 89 -14.03 -24.52 22.83
CA LEU C 89 -15.47 -24.40 23.02
C LEU C 89 -15.83 -24.52 24.49
N ASP C 90 -14.94 -25.13 25.27
CA ASP C 90 -15.17 -25.34 26.70
C ASP C 90 -14.83 -24.10 27.50
N MET C 91 -13.88 -23.31 27.01
CA MET C 91 -13.52 -22.05 27.65
C MET C 91 -14.59 -21.00 27.39
N ILE C 92 -15.22 -21.08 26.22
CA ILE C 92 -16.34 -20.21 25.91
C ILE C 92 -17.55 -20.59 26.75
N GLN C 93 -17.86 -21.89 26.76
CA GLN C 93 -18.96 -22.42 27.55
C GLN C 93 -18.77 -22.10 29.04
N GLU C 94 -17.55 -22.29 29.53
CA GLU C 94 -17.24 -22.03 30.93
C GLU C 94 -17.38 -20.55 31.28
N SER C 95 -16.89 -19.69 30.38
CA SER C 95 -16.97 -18.25 30.57
C SER C 95 -18.43 -17.79 30.67
N LYS C 96 -19.29 -18.43 29.90
CA LYS C 96 -20.72 -18.11 29.90
C LYS C 96 -21.34 -18.36 31.27
N GLU C 97 -21.04 -19.54 31.83
CA GLU C 97 -21.58 -19.91 33.12
C GLU C 97 -21.18 -18.91 34.20
N LEU C 98 -20.06 -18.24 33.98
CA LEU C 98 -19.55 -17.25 34.93
C LEU C 98 -20.14 -15.87 34.69
N GLY C 99 -21.16 -15.81 33.83
CA GLY C 99 -21.84 -14.56 33.56
C GLY C 99 -21.26 -13.78 32.39
N ALA C 100 -21.03 -14.47 31.28
CA ALA C 100 -20.54 -13.82 30.08
C ALA C 100 -21.69 -13.34 29.20
N LEU C 101 -21.72 -12.04 28.92
CA LEU C 101 -22.79 -11.44 28.16
C LEU C 101 -22.85 -12.02 26.74
N THR C 102 -21.69 -12.31 26.17
CA THR C 102 -21.60 -12.90 24.85
C THR C 102 -20.15 -13.21 24.50
N HIS C 103 -19.97 -13.81 23.32
CA HIS C 103 -18.63 -14.19 22.84
C HIS C 103 -18.45 -13.79 21.38
N PHE C 104 -17.33 -13.13 21.09
CA PHE C 104 -17.02 -12.72 19.71
C PHE C 104 -15.79 -13.42 19.16
N ALA C 105 -15.99 -14.25 18.16
CA ALA C 105 -14.89 -14.95 17.52
C ALA C 105 -14.10 -14.01 16.60
N LYS C 106 -12.78 -14.16 16.63
CA LYS C 106 -11.90 -13.38 15.75
C LYS C 106 -11.75 -14.11 14.41
N PRO C 107 -11.74 -13.36 13.29
CA PRO C 107 -11.90 -11.90 13.26
C PRO C 107 -13.36 -11.50 13.46
N PHE C 108 -13.63 -10.66 14.44
CA PHE C 108 -15.00 -10.23 14.71
C PHE C 108 -15.43 -9.13 13.76
N ASP C 109 -16.73 -9.11 13.47
CA ASP C 109 -17.29 -8.05 12.64
C ASP C 109 -17.45 -6.78 13.45
N ILE C 110 -16.84 -5.69 12.98
CA ILE C 110 -16.85 -4.43 13.72
C ILE C 110 -18.25 -3.94 14.05
N ASP C 111 -19.19 -4.11 13.14
CA ASP C 111 -20.57 -3.70 13.37
C ASP C 111 -21.25 -4.54 14.44
N GLU C 112 -21.08 -5.86 14.38
CA GLU C 112 -21.68 -6.77 15.33
C GLU C 112 -21.27 -6.44 16.77
N ILE C 113 -19.97 -6.30 16.97
CA ILE C 113 -19.44 -6.04 18.31
C ILE C 113 -19.78 -4.63 18.78
N ARG C 114 -20.03 -3.73 17.83
CA ARG C 114 -20.39 -2.36 18.14
C ARG C 114 -21.85 -2.29 18.58
N ASP C 115 -22.71 -3.04 17.90
CA ASP C 115 -24.12 -3.11 18.28
C ASP C 115 -24.29 -3.82 19.62
N ALA C 116 -23.46 -4.83 19.85
CA ALA C 116 -23.51 -5.59 21.08
C ALA C 116 -23.13 -4.74 22.29
N VAL C 117 -22.29 -3.74 22.05
CA VAL C 117 -21.83 -2.86 23.12
C VAL C 117 -22.96 -1.96 23.62
N LYS C 118 -23.63 -1.28 22.70
CA LYS C 118 -24.73 -0.39 23.07
C LYS C 118 -25.85 -1.15 23.75
N LYS C 119 -25.86 -2.47 23.55
CA LYS C 119 -26.89 -3.34 24.09
C LYS C 119 -26.69 -3.60 25.58
N TYR C 120 -25.64 -4.35 25.90
CA TYR C 120 -25.37 -4.74 27.29
C TYR C 120 -24.86 -3.59 28.14
N LEU C 121 -24.70 -2.42 27.53
CA LEU C 121 -24.14 -1.28 28.22
C LEU C 121 -25.15 -0.65 29.18
N GLU D 6 -21.84 52.84 4.09
CA GLU D 6 -21.70 51.38 4.14
C GLU D 6 -20.76 50.88 3.05
N LYS D 7 -19.66 50.27 3.47
CA LYS D 7 -18.63 49.83 2.53
C LYS D 7 -18.48 48.31 2.51
N ILE D 8 -18.23 47.76 1.33
CA ILE D 8 -18.11 46.32 1.17
C ILE D 8 -16.83 45.93 0.44
N LEU D 9 -16.13 44.94 0.98
CA LEU D 9 -14.90 44.44 0.36
C LEU D 9 -15.18 43.13 -0.37
N ILE D 10 -14.83 43.09 -1.64
CA ILE D 10 -15.01 41.91 -2.47
C ILE D 10 -13.67 41.28 -2.79
N VAL D 11 -13.44 40.09 -2.27
CA VAL D 11 -12.18 39.39 -2.47
C VAL D 11 -12.39 38.13 -3.31
N ASP D 12 -11.91 38.18 -4.55
CA ASP D 12 -12.04 37.04 -5.46
C ASP D 12 -10.99 37.11 -6.57
N ASP D 13 -10.40 35.96 -6.91
CA ASP D 13 -9.33 35.89 -7.89
C ASP D 13 -9.83 36.01 -9.32
N GLN D 14 -11.13 35.79 -9.51
CA GLN D 14 -11.72 35.77 -10.85
C GLN D 14 -12.40 37.09 -11.23
N TYR D 15 -11.96 37.65 -12.34
CA TYR D 15 -12.46 38.95 -12.82
C TYR D 15 -13.98 38.98 -12.91
N GLY D 16 -14.56 37.94 -13.48
CA GLY D 16 -16.00 37.86 -13.66
C GLY D 16 -16.82 38.08 -12.40
N ILE D 17 -16.44 37.41 -11.31
CA ILE D 17 -17.16 37.55 -10.04
C ILE D 17 -16.94 38.93 -9.44
N ARG D 18 -15.71 39.42 -9.54
CA ARG D 18 -15.34 40.73 -9.04
C ARG D 18 -16.24 41.83 -9.59
N ILE D 19 -16.34 41.90 -10.93
CA ILE D 19 -17.13 42.95 -11.56
C ILE D 19 -18.61 42.72 -11.31
N LEU D 20 -19.00 41.45 -11.20
CA LEU D 20 -20.39 41.09 -10.92
C LEU D 20 -20.85 41.72 -9.61
N LEU D 21 -20.18 41.32 -8.53
CA LEU D 21 -20.53 41.79 -7.20
C LEU D 21 -20.26 43.28 -7.03
N ASN D 22 -19.40 43.81 -7.89
CA ASN D 22 -19.09 45.24 -7.85
C ASN D 22 -20.28 46.08 -8.32
N GLU D 23 -20.82 45.73 -9.48
CA GLU D 23 -21.95 46.45 -10.04
C GLU D 23 -23.24 46.21 -9.24
N VAL D 24 -23.42 44.99 -8.77
CA VAL D 24 -24.59 44.63 -7.97
C VAL D 24 -24.73 45.52 -6.74
N PHE D 25 -23.63 45.73 -6.02
CA PHE D 25 -23.65 46.53 -4.80
C PHE D 25 -23.42 48.02 -5.08
N ASN D 26 -23.04 48.33 -6.32
CA ASN D 26 -22.92 49.72 -6.73
C ASN D 26 -24.29 50.38 -6.88
N LYS D 27 -25.13 49.79 -7.74
CA LYS D 27 -26.48 50.28 -7.95
C LYS D 27 -27.28 50.21 -6.65
N GLU D 28 -26.89 49.28 -5.78
CA GLU D 28 -27.58 49.05 -4.52
C GLU D 28 -27.36 50.21 -3.56
N GLY D 29 -26.33 51.00 -3.82
CA GLY D 29 -26.05 52.18 -3.00
C GLY D 29 -24.79 52.02 -2.15
N TYR D 30 -24.29 50.80 -2.07
CA TYR D 30 -23.09 50.52 -1.28
C TYR D 30 -21.83 51.07 -1.94
N GLN D 31 -20.79 51.24 -1.16
CA GLN D 31 -19.49 51.63 -1.67
C GLN D 31 -18.61 50.38 -1.72
N THR D 32 -18.12 50.03 -2.91
CA THR D 32 -17.45 48.75 -3.10
C THR D 32 -15.93 48.84 -3.26
N PHE D 33 -15.24 47.82 -2.78
CA PHE D 33 -13.79 47.71 -2.97
C PHE D 33 -13.45 46.30 -3.45
N GLN D 34 -12.40 46.20 -4.27
CA GLN D 34 -12.07 44.94 -4.92
C GLN D 34 -10.65 44.48 -4.63
N ALA D 35 -10.50 43.18 -4.38
CA ALA D 35 -9.20 42.58 -4.15
C ALA D 35 -9.08 41.25 -4.89
N ALA D 36 -7.94 41.03 -5.53
CA ALA D 36 -7.73 39.82 -6.32
C ALA D 36 -7.12 38.67 -5.50
N ASN D 37 -6.38 39.03 -4.46
CA ASN D 37 -5.76 38.04 -3.59
C ASN D 37 -5.83 38.44 -2.11
N GLY D 38 -5.19 37.65 -1.24
CA GLY D 38 -5.28 37.87 0.19
C GLY D 38 -4.58 39.11 0.71
N LEU D 39 -3.42 39.42 0.15
CA LEU D 39 -2.64 40.55 0.63
C LEU D 39 -3.23 41.90 0.21
N GLN D 40 -3.92 41.91 -0.92
CA GLN D 40 -4.59 43.11 -1.39
C GLN D 40 -5.83 43.40 -0.55
N ALA D 41 -6.49 42.34 -0.11
CA ALA D 41 -7.66 42.47 0.74
C ALA D 41 -7.30 43.17 2.05
N LEU D 42 -6.22 42.72 2.68
CA LEU D 42 -5.76 43.29 3.94
C LEU D 42 -5.45 44.77 3.80
N ASP D 43 -4.79 45.12 2.69
CA ASP D 43 -4.45 46.50 2.42
C ASP D 43 -5.69 47.38 2.46
N ILE D 44 -6.80 46.84 1.99
CA ILE D 44 -8.05 47.59 1.96
C ILE D 44 -8.70 47.63 3.33
N VAL D 45 -8.68 46.50 4.04
CA VAL D 45 -9.24 46.46 5.38
C VAL D 45 -8.54 47.48 6.27
N THR D 46 -7.22 47.52 6.21
CA THR D 46 -6.44 48.47 6.99
C THR D 46 -6.77 49.91 6.62
N LYS D 47 -6.87 50.19 5.33
CA LYS D 47 -7.08 51.55 4.84
C LYS D 47 -8.54 52.01 4.96
N GLU D 48 -9.47 51.15 4.55
CA GLU D 48 -10.88 51.54 4.47
C GLU D 48 -11.72 51.04 5.64
N ARG D 49 -11.25 50.00 6.32
CA ARG D 49 -12.00 49.40 7.42
C ARG D 49 -13.43 49.10 6.98
N PRO D 50 -13.59 48.18 6.02
CA PRO D 50 -14.89 47.86 5.42
C PRO D 50 -15.89 47.35 6.46
N ASP D 51 -17.18 47.51 6.18
CA ASP D 51 -18.22 47.06 7.09
C ASP D 51 -18.50 45.58 6.91
N LEU D 52 -18.39 45.11 5.68
CA LEU D 52 -18.62 43.70 5.35
C LEU D 52 -17.61 43.20 4.33
N VAL D 53 -17.26 41.93 4.42
CA VAL D 53 -16.30 41.33 3.50
C VAL D 53 -16.85 40.08 2.85
N LEU D 54 -16.68 39.99 1.53
CA LEU D 54 -17.00 38.77 0.79
C LEU D 54 -15.69 38.10 0.39
N LEU D 55 -15.42 36.95 1.00
CA LEU D 55 -14.11 36.30 0.86
C LEU D 55 -14.20 34.95 0.16
N ASP D 56 -13.68 34.89 -1.06
CA ASP D 56 -13.61 33.65 -1.82
C ASP D 56 -12.66 32.68 -1.13
N MET D 57 -13.11 31.45 -0.90
CA MET D 57 -12.32 30.48 -0.15
C MET D 57 -11.20 29.87 -1.00
N LYS D 58 -11.50 29.60 -2.27
CA LYS D 58 -10.47 29.03 -3.16
C LYS D 58 -9.77 30.10 -4.00
N ILE D 59 -8.56 30.46 -3.58
CA ILE D 59 -7.73 31.42 -4.30
C ILE D 59 -6.31 30.87 -4.39
N PRO D 60 -5.77 30.81 -5.62
CA PRO D 60 -4.45 30.23 -5.87
C PRO D 60 -3.38 30.75 -4.92
N GLY D 61 -2.53 29.86 -4.45
CA GLY D 61 -1.39 30.23 -3.61
C GLY D 61 -1.75 30.47 -2.16
N MET D 62 -2.92 31.04 -1.92
CA MET D 62 -3.32 31.40 -0.57
C MET D 62 -4.83 31.41 -0.45
N ASP D 63 -5.38 30.29 0.01
CA ASP D 63 -6.83 30.16 0.15
C ASP D 63 -7.35 31.03 1.29
N GLY D 64 -8.63 31.38 1.20
CA GLY D 64 -9.26 32.26 2.17
C GLY D 64 -9.15 31.79 3.61
N ILE D 65 -9.04 30.47 3.79
CA ILE D 65 -8.91 29.91 5.13
C ILE D 65 -7.85 30.64 5.94
N GLU D 66 -6.71 30.89 5.30
CA GLU D 66 -5.59 31.57 5.96
C GLU D 66 -5.81 33.08 5.98
N ILE D 67 -6.48 33.60 4.96
CA ILE D 67 -6.74 35.02 4.83
C ILE D 67 -7.59 35.55 5.99
N LEU D 68 -8.68 34.86 6.28
CA LEU D 68 -9.58 35.25 7.36
C LEU D 68 -8.87 35.31 8.69
N LYS D 69 -7.92 34.40 8.90
CA LYS D 69 -7.14 34.36 10.12
C LYS D 69 -6.47 35.70 10.41
N ARG D 70 -5.72 36.20 9.43
CA ARG D 70 -5.00 37.46 9.59
C ARG D 70 -5.95 38.65 9.53
N MET D 71 -7.07 38.49 8.83
CA MET D 71 -8.02 39.56 8.67
C MET D 71 -8.75 39.86 9.98
N LYS D 72 -8.59 38.96 10.95
CA LYS D 72 -9.23 39.12 12.25
C LYS D 72 -8.43 40.02 13.18
N VAL D 73 -7.10 39.94 13.09
CA VAL D 73 -6.23 40.76 13.92
C VAL D 73 -6.45 42.25 13.69
N ILE D 74 -6.59 42.65 12.42
CA ILE D 74 -6.80 44.05 12.07
C ILE D 74 -8.08 44.60 12.68
N ASP D 75 -9.12 43.77 12.72
CA ASP D 75 -10.41 44.18 13.26
C ASP D 75 -11.20 42.98 13.78
N GLU D 76 -11.62 43.04 15.05
CA GLU D 76 -12.40 41.97 15.66
C GLU D 76 -13.87 42.09 15.27
N ASN D 77 -14.30 43.32 14.99
CA ASN D 77 -15.67 43.59 14.61
C ASN D 77 -15.97 43.21 13.16
N ILE D 78 -14.91 43.10 12.36
CA ILE D 78 -15.05 42.81 10.94
C ILE D 78 -16.05 41.69 10.68
N ARG D 79 -16.93 41.92 9.71
CA ARG D 79 -17.95 40.93 9.37
C ARG D 79 -17.60 40.26 8.05
N VAL D 80 -17.48 38.93 8.08
CA VAL D 80 -17.03 38.19 6.90
C VAL D 80 -18.03 37.13 6.44
N ILE D 81 -18.26 37.11 5.13
CA ILE D 81 -19.06 36.08 4.48
C ILE D 81 -18.20 35.40 3.43
N ILE D 82 -18.08 34.08 3.52
CA ILE D 82 -17.21 33.35 2.60
C ILE D 82 -17.97 32.84 1.38
N MET D 83 -17.23 32.60 0.30
CA MET D 83 -17.82 32.13 -0.95
C MET D 83 -17.16 30.83 -1.39
N THR D 84 -17.98 29.90 -1.88
CA THR D 84 -17.48 28.59 -2.31
C THR D 84 -18.54 27.85 -3.11
N LEU D 101 -19.52 34.69 9.67
CA LEU D 101 -20.98 34.71 9.63
C LEU D 101 -21.54 33.53 8.86
N THR D 102 -22.11 33.79 7.70
CA THR D 102 -22.64 32.73 6.84
C THR D 102 -21.76 32.52 5.61
N HIS D 103 -22.21 31.67 4.70
CA HIS D 103 -21.45 31.36 3.50
C HIS D 103 -22.35 31.33 2.27
N PHE D 104 -21.72 31.15 1.11
CA PHE D 104 -22.46 31.05 -0.15
C PHE D 104 -21.82 30.04 -1.09
N ALA D 105 -22.56 29.61 -2.10
CA ALA D 105 -22.05 28.67 -3.08
C ALA D 105 -22.16 29.26 -4.49
N LYS D 106 -21.22 28.91 -5.35
CA LYS D 106 -21.24 29.39 -6.73
C LYS D 106 -21.90 28.36 -7.65
N PRO D 107 -22.81 28.82 -8.51
CA PRO D 107 -23.23 30.22 -8.59
C PRO D 107 -24.20 30.57 -7.47
N PHE D 108 -24.33 31.86 -7.17
CA PHE D 108 -25.25 32.31 -6.14
C PHE D 108 -26.28 33.29 -6.69
N ASP D 109 -27.51 33.20 -6.19
CA ASP D 109 -28.59 34.07 -6.62
C ASP D 109 -28.25 35.52 -6.28
N ILE D 110 -28.34 36.39 -7.26
CA ILE D 110 -28.06 37.81 -7.04
C ILE D 110 -28.89 38.35 -5.89
N ASP D 111 -30.17 37.96 -5.86
CA ASP D 111 -31.07 38.40 -4.80
C ASP D 111 -30.76 37.74 -3.46
N GLU D 112 -30.33 36.48 -3.51
CA GLU D 112 -29.98 35.76 -2.29
C GLU D 112 -28.80 36.46 -1.62
N ILE D 113 -27.90 37.01 -2.43
CA ILE D 113 -26.74 37.71 -1.91
C ILE D 113 -27.18 39.03 -1.27
N ARG D 114 -27.94 39.83 -2.01
CA ARG D 114 -28.43 41.12 -1.53
C ARG D 114 -29.05 40.99 -0.13
N ASP D 115 -29.92 40.01 0.04
CA ASP D 115 -30.62 39.81 1.30
C ASP D 115 -29.65 39.51 2.44
N ALA D 116 -28.94 38.39 2.34
CA ALA D 116 -27.99 37.99 3.37
C ALA D 116 -27.02 39.13 3.70
N VAL D 117 -26.66 39.91 2.68
CA VAL D 117 -25.77 41.04 2.88
C VAL D 117 -26.43 42.12 3.73
N LYS D 118 -27.62 42.56 3.34
CA LYS D 118 -28.34 43.57 4.10
C LYS D 118 -28.71 43.07 5.49
N LYS D 119 -28.94 41.75 5.59
CA LYS D 119 -29.33 41.15 6.85
C LYS D 119 -28.24 41.31 7.91
N TYR D 120 -27.04 40.84 7.60
CA TYR D 120 -25.92 40.91 8.52
C TYR D 120 -25.28 42.31 8.51
N LEU D 121 -25.92 43.24 7.80
CA LEU D 121 -25.41 44.60 7.71
C LEU D 121 -26.47 45.62 8.13
#